data_7F47
#
_entry.id   7F47
#
_cell.length_a   1.00
_cell.length_b   1.00
_cell.length_c   1.00
_cell.angle_alpha   90.00
_cell.angle_beta   90.00
_cell.angle_gamma   90.00
#
_symmetry.space_group_name_H-M   'P 1'
#
loop_
_entity.id
_entity.type
_entity.pdbx_description
1 polymer 'Hypothetical conserved protein'
2 non-polymer '(1R)-2-{[(S)-{[(2S)-2,3-dihydroxypropyl]oxy}(hydroxy)phosphoryl]oxy}-1-[(hexadecanoyloxy)methyl]ethyl (9Z)-octadec-9-enoate'
3 non-polymer '[(2R)-1-[[(2R)-3-[(2S)-2,6-bis(azanyl)hexanoyl]oxy-2-oxidanyl-propoxy]-oxidanyl-phosphoryl]oxy-3-hexadecanoyloxy-propan-2-yl] (E)-octadec-9-enoate'
4 water water
#
_entity_poly.entity_id   1
_entity_poly.type   'polypeptide(L)'
_entity_poly.pdbx_seq_one_letter_code
;MSGHGNLEEMEATDGFSFRTLFRRYRTPLTAAATLIVFCLVGYAIMQLTNEVRYDDVVAALAATGPSAILLALFFTALSF
LSLVFYDLNAIEYIGKKLPFPHVALTAFSAYAVGNTAGFGALSGGAIRYRAYTRLGLSPEDIGRIIAFVTLSFGLGLAAV
ASIALIIIASEIGPLIGVSPFLLRLIAGSIIAILGAVMIIGREGRVLNFGAVAIRLPDSRTWSRQFLVTAFDIAASASVL
YVLLPQTAIGWPVFLAVYAIAVGLGVLSHVPAGLGVFETVIIASLGSAVNIDAVLGSLVLYRLIYHVLPLLIAVLAVSAA
ELRRFVDHPAASSVRRIGGRLMPQLLSTLALLLGVMLVFSSVTPTPDQNLEFLSNYLPLPMVEGAHFLSSLLGLALVVAA
RGLGQRLDGAWWVAVFSAVAALTLSLLKAIALVEAAFLAFLIFGLFVSRRLFTRHASLLNQAMTASWLMAIAVIVVGAVV
ILLFVYRDVEYSNELWWQFEFTAEAPRGLRALLGITIISSAIAIFSLLRPATFRPEPATEEALTRAVEIVRKQGNADANL
VRMGDKSIMFSEKGDAFIMYGRQGRSWIALFDPVGDHGAVQELVWRFVEAARAAGCRAVFYQISPALLSHCADAGLRAFK
LGELAVADLRTFEMKGGKWANLRQTASRAQRDGLEFAVVEPENVPDIIDELAAVSTAWLEHHNAKEKGFSLGSFDPDYVS
AQPVGILKKDGKIVAFANILVTESKEEGTIDLMRFSPDAPKGSMDFLFVQIMEYLRNQGFTHFNLGMAPLSGMSKREAAP
VWDRIGSTVFEHGERFYNFKGLRAFKSKFHPHWQPRYLAVSGGGNPMIALMDATFLIGGGLKGVVRK
;
_entity_poly.pdbx_strand_id   A
#
loop_
_chem_comp.id
_chem_comp.type
_chem_comp.name
_chem_comp.formula
1K1 non-polymer '[(2R)-1-[[(2R)-3-[(2S)-2,6-bis(azanyl)hexanoyl]oxy-2-oxidanyl-propoxy]-oxidanyl-phosphoryl]oxy-3-hexadecanoyloxy-propan-2-yl] (E)-octadec-9-enoate' 'C46 H89 N2 O11 P'
PGW non-polymer '(1R)-2-{[(S)-{[(2S)-2,3-dihydroxypropyl]oxy}(hydroxy)phosphoryl]oxy}-1-[(hexadecanoyloxy)methyl]ethyl (9Z)-octadec-9-enoate' 'C40 H77 O10 P'
#
# COMPACT_ATOMS: atom_id res chain seq x y z
N ARG A 26 15.06 -6.44 5.17
CA ARG A 26 14.68 -4.98 5.13
C ARG A 26 14.51 -4.53 3.69
N THR A 27 13.78 -3.42 3.49
CA THR A 27 13.33 -2.91 2.16
C THR A 27 14.55 -2.83 1.25
N PRO A 28 15.63 -2.07 1.57
CA PRO A 28 16.78 -2.00 0.67
C PRO A 28 17.44 -3.38 0.39
N LEU A 29 17.63 -4.23 1.40
CA LEU A 29 18.26 -5.56 1.20
C LEU A 29 17.45 -6.37 0.17
N THR A 30 16.12 -6.45 0.33
CA THR A 30 15.19 -7.17 -0.59
C THR A 30 15.39 -6.65 -2.02
N ALA A 31 15.32 -5.33 -2.23
CA ALA A 31 15.45 -4.72 -3.58
C ALA A 31 16.81 -5.10 -4.18
N ALA A 32 17.88 -5.03 -3.40
CA ALA A 32 19.23 -5.33 -3.91
C ALA A 32 19.30 -6.80 -4.32
N ALA A 33 18.69 -7.70 -3.54
CA ALA A 33 18.64 -9.15 -3.88
C ALA A 33 17.90 -9.32 -5.20
N THR A 34 16.76 -8.65 -5.39
CA THR A 34 15.99 -8.72 -6.66
C THR A 34 16.89 -8.25 -7.81
N LEU A 35 17.67 -7.18 -7.60
CA LEU A 35 18.54 -6.65 -8.67
C LEU A 35 19.64 -7.67 -8.99
N ILE A 36 20.25 -8.28 -8.00
CA ILE A 36 21.28 -9.33 -8.26
C ILE A 36 20.63 -10.45 -9.08
N VAL A 37 19.44 -10.90 -8.70
CA VAL A 37 18.72 -11.97 -9.44
C VAL A 37 18.56 -11.48 -10.89
N PHE A 38 18.02 -10.27 -11.10
CA PHE A 38 17.79 -9.73 -12.46
C PHE A 38 19.11 -9.75 -13.24
N CYS A 39 20.22 -9.29 -12.66
CA CYS A 39 21.52 -9.25 -13.40
C CYS A 39 21.98 -10.67 -13.75
N LEU A 40 21.84 -11.64 -12.86
CA LEU A 40 22.18 -13.05 -13.19
C LEU A 40 21.27 -13.59 -14.29
N VAL A 41 19.95 -13.33 -14.24
CA VAL A 41 19.06 -13.88 -15.30
C VAL A 41 19.40 -13.15 -16.61
N GLY A 42 19.88 -11.90 -16.56
CA GLY A 42 20.42 -11.15 -17.70
C GLY A 42 21.62 -11.86 -18.32
N TYR A 43 22.60 -12.24 -17.51
CA TYR A 43 23.73 -13.08 -17.98
C TYR A 43 23.18 -14.34 -18.66
N ALA A 44 22.26 -15.03 -17.99
CA ALA A 44 21.69 -16.29 -18.51
C ALA A 44 21.06 -16.06 -19.90
N ILE A 45 20.22 -15.05 -20.05
CA ILE A 45 19.39 -14.89 -21.28
C ILE A 45 20.31 -14.47 -22.42
N MET A 46 21.41 -13.78 -22.10
CA MET A 46 22.40 -13.41 -23.13
C MET A 46 23.17 -14.65 -23.54
N GLN A 47 23.44 -15.55 -22.58
CA GLN A 47 24.09 -16.86 -22.90
C GLN A 47 23.12 -17.70 -23.76
N LEU A 48 21.93 -18.00 -23.26
CA LEU A 48 20.92 -18.85 -23.96
C LEU A 48 20.60 -18.34 -25.38
N THR A 49 20.70 -17.04 -25.64
CA THR A 49 20.37 -16.46 -26.98
C THR A 49 21.67 -16.13 -27.72
N ASN A 50 22.69 -16.99 -27.62
CA ASN A 50 24.05 -16.77 -28.18
C ASN A 50 24.02 -16.73 -29.71
N GLU A 51 23.13 -17.49 -30.35
CA GLU A 51 23.17 -17.69 -31.82
C GLU A 51 21.90 -17.10 -32.42
N VAL A 52 21.20 -16.23 -31.70
CA VAL A 52 19.95 -15.56 -32.16
C VAL A 52 20.23 -14.09 -32.43
N ARG A 53 19.70 -13.54 -33.52
CA ARG A 53 19.89 -12.11 -33.88
C ARG A 53 18.54 -11.40 -34.00
N TYR A 54 18.51 -10.10 -33.72
CA TYR A 54 17.27 -9.26 -33.62
C TYR A 54 16.39 -9.44 -34.88
N ASP A 55 17.00 -9.54 -36.07
CA ASP A 55 16.26 -9.67 -37.36
C ASP A 55 15.49 -10.99 -37.41
N ASP A 56 16.06 -12.09 -36.90
CA ASP A 56 15.36 -13.39 -36.75
C ASP A 56 14.10 -13.16 -35.92
N VAL A 57 14.23 -12.50 -34.78
CA VAL A 57 13.09 -12.25 -33.85
C VAL A 57 12.04 -11.42 -34.58
N VAL A 58 12.44 -10.42 -35.35
CA VAL A 58 11.48 -9.55 -36.09
C VAL A 58 10.72 -10.40 -37.12
N ALA A 59 11.45 -11.21 -37.91
CA ALA A 59 10.85 -12.13 -38.92
C ALA A 59 9.82 -13.03 -38.24
N ALA A 60 10.16 -13.57 -37.07
CA ALA A 60 9.27 -14.41 -36.24
C ALA A 60 8.00 -13.60 -35.91
N LEU A 61 8.13 -12.39 -35.36
CA LEU A 61 6.93 -11.55 -35.05
C LEU A 61 6.06 -11.39 -36.30
N ALA A 62 6.65 -11.19 -37.48
CA ALA A 62 5.91 -10.97 -38.75
C ALA A 62 5.25 -12.29 -39.22
N ALA A 63 5.84 -13.44 -38.92
CA ALA A 63 5.31 -14.78 -39.29
C ALA A 63 3.99 -15.06 -38.58
N THR A 64 3.78 -14.56 -37.36
CA THR A 64 2.56 -14.84 -36.56
C THR A 64 1.33 -14.46 -37.38
N GLY A 65 0.37 -15.38 -37.49
CA GLY A 65 -0.85 -15.19 -38.30
C GLY A 65 -1.95 -14.50 -37.51
N PRO A 66 -3.00 -13.98 -38.19
CA PRO A 66 -4.17 -13.41 -37.51
C PRO A 66 -4.82 -14.39 -36.53
N SER A 67 -4.93 -15.65 -36.96
CA SER A 67 -5.54 -16.76 -36.20
C SER A 67 -4.90 -16.87 -34.82
N ALA A 68 -3.56 -16.89 -34.79
CA ALA A 68 -2.76 -17.04 -33.55
C ALA A 68 -2.99 -15.81 -32.67
N ILE A 69 -3.01 -14.63 -33.28
CA ILE A 69 -3.22 -13.35 -32.54
C ILE A 69 -4.64 -13.35 -31.97
N LEU A 70 -5.64 -13.72 -32.76
CA LEU A 70 -7.05 -13.69 -32.31
C LEU A 70 -7.22 -14.69 -31.17
N LEU A 71 -6.65 -15.88 -31.33
CA LEU A 71 -6.76 -16.91 -30.26
C LEU A 71 -6.12 -16.37 -28.97
N ALA A 72 -4.99 -15.67 -29.08
CA ALA A 72 -4.25 -15.09 -27.94
C ALA A 72 -5.13 -14.03 -27.27
N LEU A 73 -5.71 -13.10 -28.04
CA LEU A 73 -6.68 -12.12 -27.50
C LEU A 73 -7.80 -12.83 -26.73
N PHE A 74 -8.39 -13.87 -27.33
CA PHE A 74 -9.47 -14.65 -26.69
C PHE A 74 -9.00 -15.18 -25.33
N PHE A 75 -7.81 -15.80 -25.29
CA PHE A 75 -7.36 -16.47 -24.05
C PHE A 75 -7.04 -15.38 -23.01
N THR A 76 -6.56 -14.22 -23.43
CA THR A 76 -6.35 -13.06 -22.52
C THR A 76 -7.70 -12.71 -21.91
N ALA A 77 -8.73 -12.55 -22.74
CA ALA A 77 -10.09 -12.27 -22.25
C ALA A 77 -10.50 -13.33 -21.21
N LEU A 78 -10.33 -14.62 -21.50
CA LEU A 78 -10.77 -15.69 -20.58
C LEU A 78 -10.05 -15.56 -19.24
N SER A 79 -8.72 -15.34 -19.28
CA SER A 79 -7.89 -15.17 -18.06
C SER A 79 -8.49 -14.09 -17.18
N PHE A 80 -8.82 -12.97 -17.81
CA PHE A 80 -9.26 -11.78 -17.06
C PHE A 80 -10.66 -12.05 -16.52
N LEU A 81 -11.53 -12.78 -17.21
CA LEU A 81 -12.83 -13.20 -16.62
C LEU A 81 -12.62 -14.11 -15.37
N SER A 82 -11.76 -15.10 -15.47
CA SER A 82 -11.36 -15.98 -14.32
C SER A 82 -10.93 -15.14 -13.10
N LEU A 83 -10.11 -14.12 -13.32
CA LEU A 83 -9.52 -13.33 -12.21
C LEU A 83 -10.63 -12.56 -11.52
N VAL A 84 -11.61 -12.12 -12.30
CA VAL A 84 -12.78 -11.47 -11.65
C VAL A 84 -13.34 -12.45 -10.61
N PHE A 85 -13.39 -13.73 -10.94
CA PHE A 85 -14.02 -14.72 -10.03
C PHE A 85 -13.16 -14.83 -8.78
N TYR A 86 -11.82 -14.75 -8.85
CA TYR A 86 -10.99 -14.65 -7.61
C TYR A 86 -11.61 -13.69 -6.61
N ASP A 87 -11.96 -12.48 -7.03
CA ASP A 87 -12.38 -11.41 -6.09
C ASP A 87 -13.81 -11.66 -5.62
N LEU A 88 -14.69 -12.13 -6.49
CA LEU A 88 -16.08 -12.51 -6.08
C LEU A 88 -16.05 -13.65 -5.03
N ASN A 89 -15.14 -14.60 -5.18
CA ASN A 89 -15.01 -15.74 -4.25
C ASN A 89 -14.60 -15.22 -2.88
N ALA A 90 -13.63 -14.30 -2.85
CA ALA A 90 -13.12 -13.72 -1.59
C ALA A 90 -14.24 -12.97 -0.90
N ILE A 91 -15.08 -12.28 -1.67
CA ILE A 91 -16.19 -11.49 -1.08
C ILE A 91 -17.21 -12.47 -0.50
N GLU A 92 -17.51 -13.55 -1.19
CA GLU A 92 -18.45 -14.58 -0.62
C GLU A 92 -17.81 -15.15 0.66
N TYR A 93 -16.51 -15.40 0.69
CA TYR A 93 -15.84 -15.99 1.88
C TYR A 93 -15.97 -15.05 3.07
N ILE A 94 -15.86 -13.75 2.86
CA ILE A 94 -15.99 -12.79 4.00
C ILE A 94 -17.48 -12.53 4.27
N GLY A 95 -18.34 -12.96 3.35
CA GLY A 95 -19.80 -12.85 3.53
C GLY A 95 -20.28 -11.43 3.38
N LYS A 96 -19.84 -10.74 2.33
CA LYS A 96 -20.18 -9.32 2.07
C LYS A 96 -20.53 -9.17 0.59
N LYS A 97 -21.68 -9.63 0.13
CA LYS A 97 -22.16 -9.41 -1.28
C LYS A 97 -21.88 -7.97 -1.78
N LEU A 98 -21.29 -7.84 -2.99
CA LEU A 98 -21.05 -6.56 -3.69
C LEU A 98 -21.49 -6.68 -5.16
N PRO A 99 -21.97 -5.58 -5.79
CA PRO A 99 -22.37 -5.59 -7.21
C PRO A 99 -21.31 -6.08 -8.22
N PHE A 100 -21.72 -6.93 -9.15
CA PHE A 100 -20.78 -7.62 -10.08
C PHE A 100 -20.10 -6.57 -10.94
N PRO A 101 -20.76 -5.67 -11.70
CA PRO A 101 -20.07 -4.64 -12.46
C PRO A 101 -18.89 -4.05 -11.66
N HIS A 102 -19.12 -3.60 -10.41
CA HIS A 102 -18.10 -2.91 -9.57
C HIS A 102 -16.98 -3.88 -9.20
N VAL A 103 -17.28 -5.04 -8.63
CA VAL A 103 -16.21 -6.04 -8.32
C VAL A 103 -15.40 -6.30 -9.60
N ALA A 104 -16.07 -6.55 -10.71
CA ALA A 104 -15.40 -6.94 -11.97
C ALA A 104 -14.39 -5.87 -12.34
N LEU A 105 -14.84 -4.61 -12.44
CA LEU A 105 -13.95 -3.44 -12.73
C LEU A 105 -12.78 -3.38 -11.74
N THR A 106 -13.03 -3.57 -10.44
CA THR A 106 -11.95 -3.46 -9.43
C THR A 106 -10.92 -4.58 -9.65
N ALA A 107 -11.37 -5.83 -9.79
CA ALA A 107 -10.49 -6.99 -9.99
C ALA A 107 -9.69 -6.80 -11.28
N PHE A 108 -10.35 -6.44 -12.39
CA PHE A 108 -9.67 -6.19 -13.68
C PHE A 108 -8.56 -5.18 -13.42
N SER A 109 -8.89 -4.06 -12.82
CA SER A 109 -7.89 -3.00 -12.53
C SER A 109 -6.74 -3.53 -11.64
N ALA A 110 -7.02 -4.31 -10.62
CA ALA A 110 -5.99 -4.85 -9.72
C ALA A 110 -5.05 -5.78 -10.50
N TYR A 111 -5.58 -6.65 -11.34
CA TYR A 111 -4.74 -7.66 -12.03
C TYR A 111 -4.02 -6.94 -13.16
N ALA A 112 -4.62 -6.04 -13.93
CA ALA A 112 -3.88 -5.30 -15.00
C ALA A 112 -2.62 -4.71 -14.38
N VAL A 113 -2.87 -3.83 -13.43
CA VAL A 113 -1.79 -3.06 -12.76
C VAL A 113 -0.83 -4.06 -12.09
N GLY A 114 -1.34 -4.98 -11.29
CA GLY A 114 -0.50 -5.92 -10.54
C GLY A 114 0.41 -6.77 -11.42
N ASN A 115 -0.12 -7.35 -12.49
CA ASN A 115 0.68 -8.24 -13.37
C ASN A 115 1.81 -7.45 -14.01
N THR A 116 1.55 -6.19 -14.35
CA THR A 116 2.55 -5.35 -15.07
C THR A 116 3.58 -4.85 -14.05
N ALA A 117 3.23 -4.55 -12.80
CA ALA A 117 4.15 -3.83 -11.88
C ALA A 117 4.29 -4.58 -10.56
N GLY A 118 3.46 -4.28 -9.55
CA GLY A 118 3.45 -5.01 -8.29
C GLY A 118 4.34 -4.41 -7.22
N PHE A 119 4.98 -3.27 -7.44
CA PHE A 119 5.74 -2.57 -6.37
C PHE A 119 4.78 -1.54 -5.77
N GLY A 120 5.16 -0.90 -4.67
CA GLY A 120 4.26 -0.12 -3.79
C GLY A 120 3.34 0.82 -4.56
N ALA A 121 2.03 0.72 -4.34
CA ALA A 121 0.95 1.59 -4.87
C ALA A 121 0.57 1.14 -6.28
N LEU A 122 1.39 0.30 -6.90
CA LEU A 122 1.07 -0.30 -8.21
C LEU A 122 0.87 -1.81 -8.02
N SER A 123 0.64 -2.23 -6.78
CA SER A 123 0.32 -3.64 -6.44
C SER A 123 -1.19 -3.86 -6.61
N GLY A 124 -1.59 -5.12 -6.65
CA GLY A 124 -3.02 -5.46 -6.66
C GLY A 124 -3.66 -5.10 -5.35
N GLY A 125 -2.94 -5.33 -4.26
CA GLY A 125 -3.39 -5.02 -2.89
C GLY A 125 -3.70 -3.55 -2.77
N ALA A 126 -2.85 -2.71 -3.32
CA ALA A 126 -3.03 -1.25 -3.20
C ALA A 126 -4.24 -0.88 -4.04
N ILE A 127 -4.37 -1.42 -5.24
CA ILE A 127 -5.57 -1.10 -6.08
C ILE A 127 -6.83 -1.55 -5.34
N ARG A 128 -6.77 -2.72 -4.68
CA ARG A 128 -7.94 -3.30 -3.97
C ARG A 128 -8.31 -2.40 -2.80
N TYR A 129 -7.33 -1.89 -2.04
CA TYR A 129 -7.65 -1.08 -0.82
C TYR A 129 -8.31 0.25 -1.24
N ARG A 130 -7.87 0.82 -2.36
CA ARG A 130 -8.37 2.14 -2.84
C ARG A 130 -9.78 2.00 -3.42
N ALA A 131 -10.01 0.96 -4.23
CA ALA A 131 -11.29 0.73 -4.92
C ALA A 131 -12.33 0.26 -3.91
N TYR A 132 -12.00 -0.74 -3.08
CA TYR A 132 -13.01 -1.38 -2.20
C TYR A 132 -13.37 -0.41 -1.06
N THR A 133 -12.50 0.53 -0.66
CA THR A 133 -12.90 1.53 0.38
C THR A 133 -14.06 2.40 -0.15
N ARG A 134 -14.02 2.79 -1.43
CA ARG A 134 -15.12 3.55 -2.07
C ARG A 134 -16.39 2.67 -2.13
N LEU A 135 -16.24 1.37 -2.37
CA LEU A 135 -17.38 0.43 -2.42
C LEU A 135 -17.92 0.14 -1.02
N GLY A 136 -17.19 0.51 0.03
CA GLY A 136 -17.75 0.50 1.40
C GLY A 136 -17.42 -0.75 2.20
N LEU A 137 -16.51 -1.60 1.72
CA LEU A 137 -15.89 -2.66 2.56
C LEU A 137 -15.00 -2.00 3.64
N SER A 138 -15.01 -2.54 4.85
CA SER A 138 -14.18 -2.09 5.99
C SER A 138 -12.72 -2.47 5.75
N PRO A 139 -11.75 -1.73 6.32
CA PRO A 139 -10.34 -2.04 6.15
C PRO A 139 -9.88 -3.47 6.48
N GLU A 140 -10.57 -4.15 7.43
CA GLU A 140 -10.28 -5.57 7.77
C GLU A 140 -10.89 -6.50 6.72
N ASP A 141 -12.12 -6.20 6.27
CA ASP A 141 -12.75 -6.84 5.10
C ASP A 141 -11.72 -6.86 3.97
N ILE A 142 -11.21 -5.67 3.64
CA ILE A 142 -10.34 -5.48 2.45
C ILE A 142 -9.03 -6.21 2.72
N GLY A 143 -8.64 -6.33 3.99
CA GLY A 143 -7.38 -7.00 4.38
C GLY A 143 -7.47 -8.50 4.23
N ARG A 144 -8.65 -9.02 4.54
CA ARG A 144 -9.00 -10.45 4.44
C ARG A 144 -9.14 -10.84 2.99
N ILE A 145 -9.85 -10.01 2.21
CA ILE A 145 -9.93 -10.21 0.73
C ILE A 145 -8.51 -10.35 0.16
N ILE A 146 -7.66 -9.39 0.41
CA ILE A 146 -6.28 -9.42 -0.14
C ILE A 146 -5.58 -10.70 0.32
N ALA A 147 -5.70 -11.11 1.59
CA ALA A 147 -5.05 -12.37 2.08
C ALA A 147 -5.57 -13.60 1.32
N PHE A 148 -6.89 -13.69 1.13
CA PHE A 148 -7.56 -14.75 0.34
C PHE A 148 -6.92 -14.85 -1.05
N VAL A 149 -6.98 -13.76 -1.81
CA VAL A 149 -6.62 -13.78 -3.26
C VAL A 149 -5.13 -14.13 -3.41
N THR A 150 -4.26 -13.74 -2.49
CA THR A 150 -2.81 -13.97 -2.74
C THR A 150 -2.49 -15.43 -2.39
N LEU A 151 -3.04 -15.91 -1.27
CA LEU A 151 -2.80 -17.31 -0.83
C LEU A 151 -3.42 -18.26 -1.89
N SER A 152 -4.62 -17.98 -2.35
CA SER A 152 -5.26 -18.71 -3.46
C SER A 152 -4.28 -18.87 -4.63
N PHE A 153 -3.73 -17.76 -5.13
CA PHE A 153 -2.80 -17.72 -6.28
C PHE A 153 -1.56 -18.53 -5.91
N GLY A 154 -1.04 -18.31 -4.70
CA GLY A 154 0.21 -18.91 -4.20
C GLY A 154 0.16 -20.42 -4.07
N LEU A 155 -0.82 -20.93 -3.35
CA LEU A 155 -0.99 -22.41 -3.17
C LEU A 155 -1.54 -23.02 -4.46
N GLY A 156 -2.35 -22.29 -5.19
CA GLY A 156 -2.90 -22.78 -6.46
C GLY A 156 -1.80 -22.98 -7.49
N LEU A 157 -0.94 -21.99 -7.66
CA LEU A 157 0.12 -22.03 -8.66
C LEU A 157 1.02 -23.20 -8.27
N ALA A 158 1.42 -23.29 -6.98
CA ALA A 158 2.24 -24.40 -6.44
C ALA A 158 1.63 -25.75 -6.83
N ALA A 159 0.39 -25.97 -6.44
CA ALA A 159 -0.43 -27.17 -6.77
C ALA A 159 -0.41 -27.48 -8.27
N VAL A 160 -0.91 -26.56 -9.09
CA VAL A 160 -0.98 -26.72 -10.55
C VAL A 160 0.40 -27.19 -10.99
N ALA A 161 1.46 -26.43 -10.70
CA ALA A 161 2.81 -26.73 -11.19
C ALA A 161 3.18 -28.15 -10.80
N SER A 162 3.12 -28.45 -9.49
CA SER A 162 3.54 -29.74 -8.90
C SER A 162 2.75 -30.91 -9.52
N ILE A 163 1.43 -30.78 -9.57
CA ILE A 163 0.56 -31.81 -10.20
C ILE A 163 0.96 -32.01 -11.67
N ALA A 164 1.01 -30.95 -12.44
CA ALA A 164 1.42 -31.05 -13.85
C ALA A 164 2.79 -31.76 -13.93
N LEU A 165 3.72 -31.41 -13.04
CA LEU A 165 5.11 -31.90 -13.15
C LEU A 165 5.12 -33.41 -12.82
N ILE A 166 4.32 -33.87 -11.84
CA ILE A 166 4.25 -35.34 -11.53
C ILE A 166 3.64 -36.09 -12.71
N ILE A 167 2.64 -35.52 -13.38
CA ILE A 167 1.97 -36.16 -14.53
C ILE A 167 2.94 -36.20 -15.72
N ILE A 168 3.66 -35.13 -16.04
CA ILE A 168 4.41 -35.16 -17.33
C ILE A 168 5.92 -35.23 -17.07
N ALA A 169 6.36 -35.77 -15.93
CA ALA A 169 7.81 -35.81 -15.60
C ALA A 169 8.55 -36.55 -16.71
N SER A 170 7.94 -37.62 -17.23
CA SER A 170 8.53 -38.47 -18.30
C SER A 170 8.70 -37.72 -19.63
N GLU A 171 8.01 -36.61 -19.81
CA GLU A 171 8.00 -35.84 -21.07
C GLU A 171 8.85 -34.56 -20.93
N ILE A 172 8.84 -33.93 -19.76
CA ILE A 172 9.59 -32.67 -19.48
C ILE A 172 11.04 -33.01 -19.12
N GLY A 173 11.27 -34.16 -18.46
CA GLY A 173 12.62 -34.61 -18.10
C GLY A 173 13.60 -34.52 -19.28
N PRO A 174 13.45 -35.31 -20.37
CA PRO A 174 14.34 -35.21 -21.53
C PRO A 174 14.48 -33.77 -22.06
N LEU A 175 13.41 -32.97 -22.01
CA LEU A 175 13.40 -31.56 -22.50
C LEU A 175 14.39 -30.72 -21.69
N ILE A 176 14.34 -30.80 -20.36
CA ILE A 176 15.17 -29.93 -19.45
C ILE A 176 16.45 -30.67 -19.02
N GLY A 177 16.62 -31.94 -19.42
CA GLY A 177 17.81 -32.75 -19.09
C GLY A 177 17.92 -33.06 -17.61
N VAL A 178 16.80 -33.41 -16.97
CA VAL A 178 16.71 -33.86 -15.55
C VAL A 178 16.04 -35.23 -15.53
N SER A 179 16.39 -36.10 -14.56
CA SER A 179 15.80 -37.46 -14.41
C SER A 179 14.29 -37.34 -14.17
N PRO A 180 13.43 -38.02 -14.94
CA PRO A 180 11.99 -37.95 -14.70
C PRO A 180 11.64 -38.54 -13.34
N PHE A 181 12.58 -39.25 -12.70
CA PHE A 181 12.42 -39.81 -11.34
C PHE A 181 12.58 -38.69 -10.29
N LEU A 182 13.63 -37.87 -10.41
CA LEU A 182 13.96 -36.81 -9.42
C LEU A 182 12.90 -35.71 -9.52
N LEU A 183 12.47 -35.36 -10.73
CA LEU A 183 11.34 -34.41 -10.91
C LEU A 183 10.17 -34.96 -10.10
N ARG A 184 9.77 -36.21 -10.35
CA ARG A 184 8.59 -36.82 -9.69
C ARG A 184 8.82 -36.81 -8.18
N LEU A 185 10.08 -36.89 -7.72
CA LEU A 185 10.39 -36.75 -6.27
C LEU A 185 10.12 -35.31 -5.83
N ILE A 186 10.72 -34.29 -6.45
CA ILE A 186 10.59 -32.88 -5.95
C ILE A 186 9.12 -32.47 -6.10
N ALA A 187 8.48 -32.83 -7.22
CA ALA A 187 7.06 -32.52 -7.49
C ALA A 187 6.23 -33.08 -6.35
N GLY A 188 6.34 -34.40 -6.13
CA GLY A 188 5.61 -35.17 -5.11
C GLY A 188 5.86 -34.64 -3.71
N SER A 189 7.09 -34.24 -3.41
CA SER A 189 7.46 -33.69 -2.08
C SER A 189 6.65 -32.40 -1.84
N ILE A 190 6.57 -31.50 -2.82
CA ILE A 190 5.76 -30.25 -2.69
C ILE A 190 4.31 -30.65 -2.47
N ILE A 191 3.80 -31.64 -3.23
CA ILE A 191 2.40 -32.14 -3.10
C ILE A 191 2.18 -32.59 -1.67
N ALA A 192 3.10 -33.39 -1.13
CA ALA A 192 3.06 -33.87 0.27
C ALA A 192 2.94 -32.66 1.21
N ILE A 193 3.81 -31.67 1.09
CA ILE A 193 3.83 -30.53 2.06
C ILE A 193 2.51 -29.76 1.96
N LEU A 194 2.01 -29.49 0.76
CA LEU A 194 0.71 -28.78 0.57
C LEU A 194 -0.39 -29.58 1.24
N GLY A 195 -0.45 -30.88 0.94
CA GLY A 195 -1.39 -31.84 1.53
C GLY A 195 -1.36 -31.78 3.05
N ALA A 196 -0.15 -31.82 3.61
CA ALA A 196 0.08 -31.77 5.07
C ALA A 196 -0.48 -30.45 5.63
N VAL A 197 -0.17 -29.31 5.01
CA VAL A 197 -0.71 -27.98 5.43
C VAL A 197 -2.24 -28.06 5.45
N MET A 198 -2.84 -28.55 4.37
CA MET A 198 -4.32 -28.59 4.23
C MET A 198 -4.89 -29.44 5.37
N ILE A 199 -4.26 -30.57 5.66
CA ILE A 199 -4.78 -31.53 6.67
C ILE A 199 -4.57 -30.97 8.10
N ILE A 200 -3.45 -30.32 8.37
CA ILE A 200 -3.16 -29.71 9.71
C ILE A 200 -4.06 -28.48 9.90
N GLY A 201 -4.34 -27.76 8.81
CA GLY A 201 -5.17 -26.54 8.84
C GLY A 201 -6.64 -26.83 8.66
N ARG A 202 -7.08 -28.08 8.89
CA ARG A 202 -8.52 -28.44 8.74
C ARG A 202 -9.31 -27.74 9.86
N GLU A 203 -10.57 -27.39 9.58
CA GLU A 203 -11.53 -26.81 10.55
C GLU A 203 -10.94 -25.53 11.16
N GLY A 204 -10.36 -24.66 10.33
CA GLY A 204 -9.85 -23.35 10.74
C GLY A 204 -8.81 -23.42 11.85
N ARG A 205 -8.10 -24.54 11.99
CA ARG A 205 -6.92 -24.64 12.88
C ARG A 205 -5.89 -23.62 12.40
N VAL A 206 -5.27 -22.85 13.30
CA VAL A 206 -4.31 -21.78 12.88
C VAL A 206 -2.89 -22.40 12.88
N LEU A 207 -2.20 -22.34 11.74
CA LEU A 207 -0.81 -22.81 11.57
C LEU A 207 0.10 -21.58 11.69
N ASN A 208 0.98 -21.52 12.68
CA ASN A 208 1.86 -20.34 12.90
C ASN A 208 3.27 -20.67 12.36
N PHE A 209 3.74 -19.94 11.36
CA PHE A 209 5.12 -20.03 10.82
C PHE A 209 5.91 -18.83 11.36
N GLY A 210 5.85 -18.63 12.68
CA GLY A 210 6.42 -17.46 13.38
C GLY A 210 5.37 -16.39 13.65
N ALA A 211 5.62 -15.17 13.17
CA ALA A 211 4.69 -14.01 13.27
C ALA A 211 3.50 -14.22 12.34
N VAL A 212 3.69 -14.99 11.27
CA VAL A 212 2.65 -15.31 10.25
C VAL A 212 1.71 -16.38 10.83
N ALA A 213 0.42 -16.07 10.95
CA ALA A 213 -0.61 -17.04 11.37
C ALA A 213 -1.53 -17.30 10.17
N ILE A 214 -1.57 -18.54 9.69
CA ILE A 214 -2.40 -18.91 8.50
C ILE A 214 -3.58 -19.78 8.96
N ARG A 215 -4.80 -19.40 8.63
CA ARG A 215 -5.99 -20.28 8.78
C ARG A 215 -6.59 -20.42 7.38
N LEU A 216 -6.52 -21.63 6.80
CA LEU A 216 -7.02 -21.91 5.44
C LEU A 216 -8.54 -21.91 5.52
N PRO A 217 -9.26 -21.70 4.41
CA PRO A 217 -10.71 -21.78 4.45
C PRO A 217 -11.21 -23.24 4.38
N ASP A 218 -12.54 -23.38 4.25
CA ASP A 218 -13.19 -24.72 4.19
C ASP A 218 -12.83 -25.40 2.87
N SER A 219 -12.82 -26.72 2.89
CA SER A 219 -12.52 -27.60 1.74
C SER A 219 -13.34 -27.09 0.54
N ARG A 220 -14.63 -26.71 0.75
CA ARG A 220 -15.55 -26.40 -0.36
C ARG A 220 -15.14 -25.07 -1.02
N THR A 221 -14.94 -24.04 -0.20
CA THR A 221 -14.39 -22.75 -0.65
C THR A 221 -13.07 -23.02 -1.38
N TRP A 222 -12.12 -23.72 -0.75
CA TRP A 222 -10.79 -23.81 -1.36
C TRP A 222 -10.88 -24.67 -2.63
N SER A 223 -11.90 -25.52 -2.77
CA SER A 223 -12.06 -26.36 -3.99
C SER A 223 -12.53 -25.50 -5.16
N ARG A 224 -13.58 -24.69 -4.96
CA ARG A 224 -14.04 -23.76 -6.04
C ARG A 224 -12.89 -22.83 -6.42
N GLN A 225 -12.14 -22.35 -5.43
CA GLN A 225 -11.06 -21.38 -5.75
C GLN A 225 -10.03 -22.12 -6.60
N PHE A 226 -9.65 -23.36 -6.22
CA PHE A 226 -8.62 -24.10 -6.97
C PHE A 226 -9.05 -24.16 -8.44
N LEU A 227 -10.32 -24.47 -8.69
CA LEU A 227 -10.80 -24.61 -10.09
C LEU A 227 -10.64 -23.27 -10.81
N VAL A 228 -10.92 -22.14 -10.16
CA VAL A 228 -10.72 -20.82 -10.83
C VAL A 228 -9.22 -20.60 -11.05
N THR A 229 -8.36 -20.78 -10.03
CA THR A 229 -6.90 -20.56 -10.20
C THR A 229 -6.42 -21.40 -11.39
N ALA A 230 -6.83 -22.65 -11.45
CA ALA A 230 -6.44 -23.59 -12.53
C ALA A 230 -6.97 -23.10 -13.89
N PHE A 231 -8.22 -22.65 -13.98
CA PHE A 231 -8.77 -22.10 -15.25
C PHE A 231 -7.86 -20.95 -15.69
N ASP A 232 -7.57 -20.02 -14.78
CA ASP A 232 -6.82 -18.77 -15.11
C ASP A 232 -5.44 -19.20 -15.58
N ILE A 233 -4.75 -20.08 -14.85
CA ILE A 233 -3.35 -20.44 -15.23
C ILE A 233 -3.39 -21.11 -16.62
N ALA A 234 -4.34 -22.01 -16.86
CA ALA A 234 -4.55 -22.65 -18.18
C ALA A 234 -4.71 -21.59 -19.28
N ALA A 235 -5.64 -20.64 -19.10
CA ALA A 235 -5.96 -19.61 -20.11
C ALA A 235 -4.69 -18.80 -20.46
N SER A 236 -3.93 -18.35 -19.45
CA SER A 236 -2.71 -17.53 -19.67
C SER A 236 -1.67 -18.35 -20.44
N ALA A 237 -1.48 -19.60 -20.01
CA ALA A 237 -0.50 -20.48 -20.65
C ALA A 237 -0.92 -20.60 -22.12
N SER A 238 -2.22 -20.70 -22.34
CA SER A 238 -2.78 -20.90 -23.69
C SER A 238 -2.50 -19.66 -24.54
N VAL A 239 -2.54 -18.46 -23.96
CA VAL A 239 -2.11 -17.22 -24.66
C VAL A 239 -0.71 -17.46 -25.24
N LEU A 240 0.24 -17.79 -24.37
CA LEU A 240 1.63 -17.98 -24.86
C LEU A 240 1.69 -19.14 -25.86
N TYR A 241 0.96 -20.24 -25.62
CA TYR A 241 0.97 -21.46 -26.47
C TYR A 241 0.51 -21.15 -27.91
N VAL A 242 -0.58 -20.40 -28.07
CA VAL A 242 -1.14 -20.15 -29.42
C VAL A 242 -0.19 -19.23 -30.17
N LEU A 243 0.68 -18.50 -29.47
CA LEU A 243 1.59 -17.52 -30.11
C LEU A 243 2.88 -18.21 -30.57
N LEU A 244 3.21 -19.38 -30.04
CA LEU A 244 4.49 -20.07 -30.35
C LEU A 244 4.24 -21.13 -31.41
N PRO A 245 4.83 -21.01 -32.63
CA PRO A 245 4.68 -22.02 -33.68
C PRO A 245 5.68 -23.17 -33.45
N GLN A 246 5.15 -24.39 -33.38
CA GLN A 246 5.88 -25.62 -32.99
C GLN A 246 4.89 -26.78 -32.94
N THR A 247 5.38 -28.03 -32.91
CA THR A 247 4.53 -29.25 -32.77
C THR A 247 5.28 -30.28 -31.92
N ALA A 248 6.22 -29.85 -31.07
CA ALA A 248 7.24 -30.70 -30.44
C ALA A 248 7.10 -30.71 -28.91
N ILE A 249 6.25 -29.87 -28.30
CA ILE A 249 6.16 -29.80 -26.81
C ILE A 249 4.84 -30.42 -26.35
N GLY A 250 3.70 -29.79 -26.72
CA GLY A 250 2.36 -30.25 -26.27
C GLY A 250 1.88 -29.63 -24.96
N TRP A 251 0.61 -29.25 -24.94
CA TRP A 251 0.02 -28.27 -24.00
C TRP A 251 0.34 -28.70 -22.56
N PRO A 252 0.20 -29.97 -22.13
CA PRO A 252 0.51 -30.30 -20.73
C PRO A 252 1.94 -29.95 -20.26
N VAL A 253 2.95 -30.28 -21.06
CA VAL A 253 4.36 -29.95 -20.74
C VAL A 253 4.48 -28.43 -20.75
N PHE A 254 3.91 -27.81 -21.77
CA PHE A 254 3.92 -26.33 -21.82
C PHE A 254 3.33 -25.77 -20.50
N LEU A 255 2.16 -26.21 -20.10
CA LEU A 255 1.52 -25.71 -18.88
C LEU A 255 2.50 -25.84 -17.69
N ALA A 256 3.14 -26.99 -17.49
CA ALA A 256 4.04 -27.16 -16.32
C ALA A 256 5.14 -26.08 -16.38
N VAL A 257 5.80 -25.93 -17.54
CA VAL A 257 6.97 -24.99 -17.66
C VAL A 257 6.44 -23.57 -17.45
N TYR A 258 5.29 -23.23 -18.03
CA TYR A 258 4.67 -21.90 -17.88
C TYR A 258 4.43 -21.62 -16.39
N ALA A 259 3.83 -22.56 -15.66
CA ALA A 259 3.50 -22.38 -14.23
C ALA A 259 4.78 -22.17 -13.44
N ILE A 260 5.81 -22.94 -13.73
CA ILE A 260 7.06 -22.82 -12.94
C ILE A 260 7.66 -21.45 -13.25
N ALA A 261 7.64 -21.02 -14.50
CA ALA A 261 8.19 -19.69 -14.90
C ALA A 261 7.45 -18.59 -14.15
N VAL A 262 6.14 -18.63 -14.17
CA VAL A 262 5.26 -17.63 -13.49
C VAL A 262 5.56 -17.62 -11.99
N GLY A 263 5.75 -18.79 -11.39
CA GLY A 263 6.02 -18.88 -9.94
C GLY A 263 7.40 -18.33 -9.62
N LEU A 264 8.40 -18.71 -10.39
CA LEU A 264 9.78 -18.23 -10.14
C LEU A 264 9.81 -16.71 -10.28
N GLY A 265 9.17 -16.16 -11.31
CA GLY A 265 9.11 -14.72 -11.53
C GLY A 265 8.53 -14.02 -10.32
N VAL A 266 7.43 -14.56 -9.82
CA VAL A 266 6.74 -13.98 -8.64
C VAL A 266 7.70 -13.96 -7.43
N LEU A 267 8.40 -15.07 -7.20
CA LEU A 267 9.36 -15.20 -6.09
C LEU A 267 10.54 -14.22 -6.27
N SER A 268 11.01 -14.04 -7.50
CA SER A 268 12.17 -13.18 -7.81
C SER A 268 11.91 -11.72 -7.41
N HIS A 269 10.65 -11.28 -7.44
CA HIS A 269 10.24 -9.91 -7.10
C HIS A 269 10.72 -8.88 -8.15
N VAL A 270 11.19 -9.33 -9.31
CA VAL A 270 11.34 -8.43 -10.50
C VAL A 270 9.96 -8.01 -11.01
N PRO A 271 9.71 -6.71 -11.31
CA PRO A 271 8.44 -6.28 -11.89
C PRO A 271 7.99 -7.13 -13.09
N ALA A 272 6.79 -7.72 -13.03
CA ALA A 272 6.22 -8.60 -14.09
C ALA A 272 7.01 -9.90 -14.29
N GLY A 273 7.96 -10.23 -13.41
CA GLY A 273 9.00 -11.24 -13.68
C GLY A 273 9.65 -11.02 -15.01
N LEU A 274 10.22 -9.83 -15.25
CA LEU A 274 10.61 -9.41 -16.62
C LEU A 274 11.67 -10.38 -17.18
N GLY A 275 12.74 -10.72 -16.49
CA GLY A 275 13.73 -11.60 -17.15
C GLY A 275 13.56 -13.05 -16.73
N VAL A 276 13.08 -13.23 -15.52
CA VAL A 276 12.99 -14.57 -14.90
C VAL A 276 12.04 -15.40 -15.76
N PHE A 277 10.83 -14.92 -16.07
CA PHE A 277 9.85 -15.63 -16.95
C PHE A 277 10.53 -15.99 -18.28
N GLU A 278 11.10 -15.05 -19.02
CA GLU A 278 11.66 -15.33 -20.37
C GLU A 278 12.79 -16.37 -20.24
N THR A 279 13.60 -16.31 -19.19
CA THR A 279 14.79 -17.19 -19.02
C THR A 279 14.29 -18.61 -18.73
N VAL A 280 13.33 -18.77 -17.84
CA VAL A 280 12.77 -20.13 -17.57
C VAL A 280 12.17 -20.67 -18.86
N ILE A 281 11.46 -19.86 -19.63
CA ILE A 281 10.77 -20.36 -20.86
C ILE A 281 11.86 -20.71 -21.87
N ILE A 282 12.88 -19.90 -22.02
CA ILE A 282 13.90 -20.11 -23.08
C ILE A 282 14.72 -21.35 -22.70
N ALA A 283 15.24 -21.45 -21.49
CA ALA A 283 15.97 -22.66 -21.05
C ALA A 283 15.12 -23.91 -21.34
N SER A 284 13.90 -23.99 -20.79
CA SER A 284 12.95 -25.13 -20.92
C SER A 284 12.71 -25.54 -22.38
N LEU A 285 12.28 -24.62 -23.21
CA LEU A 285 11.83 -24.94 -24.59
C LEU A 285 12.96 -24.82 -25.60
N GLY A 286 14.17 -24.43 -25.18
CA GLY A 286 15.24 -24.04 -26.10
C GLY A 286 15.98 -25.22 -26.71
N SER A 287 15.60 -26.46 -26.39
CA SER A 287 16.08 -27.65 -27.13
C SER A 287 15.11 -27.97 -28.28
N ALA A 288 13.81 -27.98 -27.98
CA ALA A 288 12.74 -28.39 -28.91
C ALA A 288 12.41 -27.26 -29.88
N VAL A 289 12.25 -26.03 -29.37
CA VAL A 289 11.72 -24.91 -30.20
C VAL A 289 12.87 -24.02 -30.63
N ASN A 290 12.70 -23.36 -31.80
CA ASN A 290 13.63 -22.32 -32.35
C ASN A 290 13.63 -21.13 -31.40
N ILE A 291 14.80 -20.70 -30.90
CA ILE A 291 14.78 -19.67 -29.80
C ILE A 291 14.30 -18.33 -30.39
N ASP A 292 14.58 -18.01 -31.65
CA ASP A 292 14.04 -16.78 -32.28
C ASP A 292 12.52 -16.74 -32.25
N ALA A 293 11.87 -17.88 -32.50
CA ALA A 293 10.40 -18.03 -32.48
C ALA A 293 9.93 -17.96 -31.03
N VAL A 294 10.61 -18.63 -30.10
CA VAL A 294 10.21 -18.51 -28.67
C VAL A 294 10.26 -17.03 -28.26
N LEU A 295 11.31 -16.31 -28.65
CA LEU A 295 11.50 -14.88 -28.27
C LEU A 295 10.41 -14.03 -28.93
N GLY A 296 10.12 -14.25 -30.20
CA GLY A 296 9.00 -13.54 -30.86
C GLY A 296 7.72 -13.76 -30.06
N SER A 297 7.41 -15.01 -29.77
CA SER A 297 6.20 -15.37 -29.01
C SER A 297 6.24 -14.64 -27.67
N LEU A 298 7.40 -14.55 -27.03
CA LEU A 298 7.51 -13.91 -25.67
C LEU A 298 7.18 -12.43 -25.82
N VAL A 299 7.66 -11.77 -26.86
CA VAL A 299 7.38 -10.31 -27.07
C VAL A 299 5.87 -10.14 -27.15
N LEU A 300 5.20 -10.87 -28.03
CA LEU A 300 3.72 -10.69 -28.22
C LEU A 300 2.95 -11.02 -26.93
N TYR A 301 3.40 -12.04 -26.21
CA TYR A 301 2.78 -12.48 -24.95
C TYR A 301 2.76 -11.26 -24.03
N ARG A 302 3.88 -10.57 -23.90
CA ARG A 302 4.02 -9.40 -23.01
C ARG A 302 3.16 -8.26 -23.55
N LEU A 303 3.00 -8.15 -24.88
CA LEU A 303 2.07 -7.11 -25.43
C LEU A 303 0.64 -7.47 -25.10
N ILE A 304 0.24 -8.67 -25.44
CA ILE A 304 -1.21 -9.03 -25.43
C ILE A 304 -1.64 -9.25 -23.97
N TYR A 305 -0.86 -9.93 -23.14
CA TYR A 305 -1.33 -10.28 -21.77
C TYR A 305 -1.05 -9.12 -20.81
N HIS A 306 -0.05 -8.27 -21.04
CA HIS A 306 0.36 -7.26 -20.02
C HIS A 306 -0.06 -5.87 -20.48
N VAL A 307 0.43 -5.46 -21.64
CA VAL A 307 0.26 -4.05 -22.09
C VAL A 307 -1.20 -3.81 -22.49
N LEU A 308 -1.86 -4.82 -23.03
CA LEU A 308 -3.20 -4.58 -23.64
C LEU A 308 -4.27 -4.41 -22.57
N PRO A 309 -4.50 -5.33 -21.62
CA PRO A 309 -5.52 -5.10 -20.60
C PRO A 309 -5.41 -3.77 -19.84
N LEU A 310 -4.19 -3.25 -19.73
CA LEU A 310 -4.02 -1.93 -19.09
C LEU A 310 -4.53 -0.84 -20.05
N LEU A 311 -4.14 -0.90 -21.34
CA LEU A 311 -4.63 0.07 -22.36
C LEU A 311 -6.15 0.05 -22.34
N ILE A 312 -6.74 -1.14 -22.33
CA ILE A 312 -8.20 -1.29 -22.41
C ILE A 312 -8.78 -0.65 -21.16
N ALA A 313 -8.31 -0.99 -19.96
CA ALA A 313 -8.83 -0.35 -18.72
C ALA A 313 -8.81 1.17 -18.91
N VAL A 314 -7.68 1.77 -19.33
CA VAL A 314 -7.57 3.25 -19.47
C VAL A 314 -8.63 3.72 -20.45
N LEU A 315 -8.69 3.12 -21.65
CA LEU A 315 -9.64 3.53 -22.71
C LEU A 315 -11.07 3.51 -22.15
N ALA A 316 -11.47 2.41 -21.52
CA ALA A 316 -12.80 2.28 -20.89
C ALA A 316 -13.03 3.47 -19.94
N VAL A 317 -12.19 3.66 -18.92
CA VAL A 317 -12.45 4.74 -17.93
C VAL A 317 -12.46 6.12 -18.63
N SER A 318 -11.62 6.34 -19.62
CA SER A 318 -11.53 7.67 -20.30
C SER A 318 -12.82 7.89 -21.10
N ALA A 319 -13.28 6.88 -21.83
CA ALA A 319 -14.55 6.93 -22.59
C ALA A 319 -15.72 7.16 -21.62
N ALA A 320 -15.70 6.52 -20.46
CA ALA A 320 -16.71 6.75 -19.39
C ALA A 320 -16.75 8.24 -19.06
N GLU A 321 -15.61 8.85 -18.72
CA GLU A 321 -15.56 10.26 -18.27
C GLU A 321 -15.88 11.20 -19.44
N LEU A 322 -15.67 10.76 -20.69
CA LEU A 322 -16.04 11.53 -21.91
C LEU A 322 -17.57 11.49 -22.09
N HIS A 328 -25.61 6.26 -19.48
CA HIS A 328 -25.59 4.77 -19.64
C HIS A 328 -25.21 4.13 -18.30
N PRO A 329 -25.87 3.04 -17.86
CA PRO A 329 -25.52 2.40 -16.58
C PRO A 329 -24.07 1.91 -16.57
N ALA A 330 -23.58 1.39 -17.71
CA ALA A 330 -22.17 1.01 -17.93
C ALA A 330 -21.27 2.21 -17.64
N ALA A 331 -21.47 3.31 -18.39
CA ALA A 331 -20.69 4.56 -18.23
C ALA A 331 -20.65 4.88 -16.73
N SER A 332 -21.80 5.01 -16.08
CA SER A 332 -21.94 5.36 -14.64
C SER A 332 -20.98 4.49 -13.80
N SER A 333 -21.13 3.17 -13.86
CA SER A 333 -20.30 2.20 -13.09
C SER A 333 -18.80 2.47 -13.34
N VAL A 334 -18.40 2.41 -14.61
CA VAL A 334 -16.97 2.60 -15.01
C VAL A 334 -16.53 3.93 -14.39
N ARG A 335 -17.29 5.01 -14.59
CA ARG A 335 -16.96 6.39 -14.12
C ARG A 335 -16.62 6.36 -12.62
N ARG A 336 -17.51 5.85 -11.77
CA ARG A 336 -17.37 5.93 -10.28
C ARG A 336 -16.13 5.18 -9.80
N ILE A 337 -15.80 4.02 -10.38
CA ILE A 337 -14.62 3.19 -9.98
C ILE A 337 -13.35 3.80 -10.58
N GLY A 338 -13.43 4.30 -11.82
CA GLY A 338 -12.28 4.80 -12.59
C GLY A 338 -11.79 6.13 -12.05
N GLY A 339 -12.68 7.09 -11.87
CA GLY A 339 -12.32 8.28 -11.10
C GLY A 339 -11.48 7.89 -9.88
N ARG A 340 -11.76 6.77 -9.25
CA ARG A 340 -10.97 6.40 -8.05
C ARG A 340 -9.64 5.84 -8.55
N LEU A 341 -9.65 4.93 -9.54
CA LEU A 341 -8.46 4.11 -9.91
C LEU A 341 -7.63 4.75 -11.05
N MET A 342 -8.10 5.82 -11.68
CA MET A 342 -7.54 6.29 -12.97
C MET A 342 -6.09 6.71 -12.75
N PRO A 343 -5.73 7.44 -11.68
CA PRO A 343 -4.32 7.78 -11.49
C PRO A 343 -3.39 6.55 -11.40
N GLN A 344 -3.79 5.42 -10.81
CA GLN A 344 -2.90 4.21 -10.71
C GLN A 344 -2.84 3.54 -12.08
N LEU A 345 -3.95 3.48 -12.82
CA LEU A 345 -3.91 2.99 -14.23
C LEU A 345 -2.95 3.86 -15.02
N LEU A 346 -3.07 5.19 -14.94
CA LEU A 346 -2.25 6.14 -15.74
C LEU A 346 -0.80 6.12 -15.25
N SER A 347 -0.56 5.88 -13.97
CA SER A 347 0.82 5.72 -13.46
C SER A 347 1.44 4.50 -14.16
N THR A 348 0.74 3.37 -14.14
CA THR A 348 1.19 2.11 -14.80
C THR A 348 1.34 2.36 -16.30
N LEU A 349 0.46 3.12 -16.93
CA LEU A 349 0.56 3.34 -18.40
C LEU A 349 1.84 4.16 -18.68
N ALA A 350 2.08 5.21 -17.89
CA ALA A 350 3.25 6.08 -18.06
C ALA A 350 4.50 5.25 -17.85
N LEU A 351 4.52 4.41 -16.82
CA LEU A 351 5.72 3.59 -16.55
C LEU A 351 5.98 2.68 -17.77
N LEU A 352 4.97 2.00 -18.31
CA LEU A 352 5.14 1.14 -19.53
C LEU A 352 5.64 1.98 -20.70
N LEU A 353 5.09 3.16 -20.97
CA LEU A 353 5.53 3.95 -22.14
C LEU A 353 6.95 4.47 -21.92
N GLY A 354 7.36 4.74 -20.68
CA GLY A 354 8.77 5.01 -20.37
C GLY A 354 9.69 3.83 -20.70
N VAL A 355 9.33 2.65 -20.21
CA VAL A 355 10.05 1.40 -20.59
C VAL A 355 10.12 1.37 -22.13
N MET A 356 9.00 1.57 -22.81
CA MET A 356 8.95 1.52 -24.28
C MET A 356 10.01 2.46 -24.86
N LEU A 357 10.03 3.73 -24.44
CA LEU A 357 10.92 4.73 -25.06
C LEU A 357 12.38 4.32 -24.84
N VAL A 358 12.74 3.91 -23.63
CA VAL A 358 14.12 3.48 -23.29
C VAL A 358 14.52 2.29 -24.19
N PHE A 359 13.69 1.25 -24.24
CA PHE A 359 13.98 0.00 -25.00
C PHE A 359 14.07 0.33 -26.49
N SER A 360 13.22 1.21 -26.97
CA SER A 360 13.19 1.59 -28.41
C SER A 360 14.49 2.33 -28.70
N SER A 361 15.03 3.03 -27.71
CA SER A 361 16.31 3.78 -27.88
C SER A 361 17.44 2.79 -28.14
N VAL A 362 17.46 1.66 -27.45
CA VAL A 362 18.57 0.68 -27.64
C VAL A 362 18.23 -0.28 -28.78
N THR A 363 17.06 -0.20 -29.43
CA THR A 363 16.66 -1.18 -30.47
C THR A 363 16.83 -0.57 -31.86
N PRO A 364 17.19 -1.36 -32.90
CA PRO A 364 17.35 -0.87 -34.27
C PRO A 364 16.05 -0.37 -34.90
N THR A 365 16.13 0.70 -35.67
CA THR A 365 15.03 1.24 -36.53
C THR A 365 15.14 0.66 -37.93
N PRO A 366 14.03 0.39 -38.64
CA PRO A 366 14.11 -0.09 -40.03
C PRO A 366 14.90 0.83 -40.99
N ASP A 367 15.75 0.22 -41.81
CA ASP A 367 16.69 0.92 -42.74
C ASP A 367 15.87 1.67 -43.80
N GLN A 368 14.69 1.15 -44.14
CA GLN A 368 13.67 1.83 -45.00
C GLN A 368 13.41 3.23 -44.43
N ASN A 369 12.99 3.30 -43.16
CA ASN A 369 12.61 4.56 -42.46
C ASN A 369 13.80 5.53 -42.41
N LEU A 370 15.01 5.03 -42.15
CA LEU A 370 16.19 5.93 -41.99
C LEU A 370 16.53 6.65 -43.29
N GLU A 371 16.38 5.99 -44.45
CA GLU A 371 16.75 6.57 -45.77
C GLU A 371 15.67 7.55 -46.20
N PHE A 372 14.42 7.30 -45.81
CA PHE A 372 13.31 8.28 -45.95
C PHE A 372 13.72 9.54 -45.16
N LEU A 373 14.15 9.35 -43.91
CA LEU A 373 14.66 10.46 -43.06
C LEU A 373 15.94 11.00 -43.69
N SER A 374 16.72 10.17 -44.40
CA SER A 374 17.95 10.61 -45.10
C SER A 374 17.57 11.59 -46.22
N ASN A 375 16.58 11.24 -47.04
CA ASN A 375 16.21 12.09 -48.22
C ASN A 375 15.52 13.39 -47.75
N TYR A 376 14.96 13.49 -46.53
CA TYR A 376 14.30 14.77 -46.13
C TYR A 376 15.10 15.50 -45.03
N LEU A 377 15.00 15.10 -43.75
CA LEU A 377 15.59 15.83 -42.58
C LEU A 377 17.12 15.79 -42.63
N PRO A 378 17.83 16.62 -41.85
CA PRO A 378 19.30 16.53 -41.76
C PRO A 378 19.73 15.52 -40.69
N LEU A 379 21.02 15.15 -40.66
CA LEU A 379 21.57 14.12 -39.74
C LEU A 379 21.50 14.60 -38.29
N PRO A 380 21.90 15.85 -37.94
CA PRO A 380 21.96 16.25 -36.54
C PRO A 380 20.62 16.08 -35.81
N MET A 381 19.47 16.35 -36.44
CA MET A 381 18.12 16.25 -35.80
C MET A 381 17.83 14.80 -35.41
N VAL A 382 18.01 13.85 -36.33
CA VAL A 382 17.64 12.42 -36.09
C VAL A 382 18.59 11.85 -35.02
N GLU A 383 19.73 12.48 -34.73
CA GLU A 383 20.61 12.09 -33.60
C GLU A 383 20.03 12.64 -32.30
N GLY A 384 19.71 13.94 -32.28
CA GLY A 384 19.09 14.62 -31.15
C GLY A 384 17.80 13.95 -30.75
N ALA A 385 16.90 13.76 -31.70
CA ALA A 385 15.58 13.14 -31.46
C ALA A 385 15.74 11.81 -30.72
N HIS A 386 16.71 10.99 -31.12
CA HIS A 386 17.01 9.68 -30.49
C HIS A 386 17.37 9.89 -29.01
N PHE A 387 18.45 10.62 -28.73
CA PHE A 387 18.95 10.85 -27.35
C PHE A 387 17.78 11.35 -26.50
N LEU A 388 17.05 12.34 -27.01
CA LEU A 388 15.98 13.04 -26.25
C LEU A 388 14.85 12.06 -25.94
N SER A 389 14.44 11.23 -26.89
CA SER A 389 13.35 10.24 -26.67
C SER A 389 13.77 9.28 -25.55
N SER A 390 15.03 8.85 -25.53
CA SER A 390 15.55 7.98 -24.44
C SER A 390 15.35 8.71 -23.10
N LEU A 391 15.78 9.96 -23.03
CA LEU A 391 15.72 10.72 -21.76
C LEU A 391 14.25 10.95 -21.39
N LEU A 392 13.35 11.12 -22.35
CA LEU A 392 11.92 11.39 -22.01
C LEU A 392 11.26 10.12 -21.50
N GLY A 393 11.76 8.95 -21.84
CA GLY A 393 11.25 7.70 -21.24
C GLY A 393 11.53 7.64 -19.75
N LEU A 394 12.75 7.99 -19.37
CA LEU A 394 13.12 8.04 -17.94
C LEU A 394 12.25 9.12 -17.27
N ALA A 395 12.02 10.26 -17.92
CA ALA A 395 11.15 11.33 -17.38
C ALA A 395 9.74 10.78 -17.15
N LEU A 396 9.22 10.01 -18.08
CA LEU A 396 7.87 9.41 -17.93
C LEU A 396 7.88 8.45 -16.75
N VAL A 397 8.93 7.63 -16.53
CA VAL A 397 8.91 6.68 -15.36
C VAL A 397 8.97 7.49 -14.05
N VAL A 398 9.58 8.67 -14.00
CA VAL A 398 9.53 9.53 -12.78
C VAL A 398 8.13 10.12 -12.61
N ALA A 399 7.59 10.61 -13.71
CA ALA A 399 6.22 11.14 -13.70
C ALA A 399 5.25 10.02 -13.26
N ALA A 400 5.58 8.74 -13.39
CA ALA A 400 4.63 7.66 -13.06
C ALA A 400 4.41 7.64 -11.54
N ARG A 401 5.50 7.70 -10.79
CA ARG A 401 5.43 7.74 -9.31
C ARG A 401 4.55 8.94 -8.92
N GLY A 402 4.78 10.11 -9.50
CA GLY A 402 3.96 11.30 -9.24
C GLY A 402 2.49 11.10 -9.57
N LEU A 403 2.22 10.47 -10.69
CA LEU A 403 0.83 10.31 -11.18
C LEU A 403 0.06 9.51 -10.15
N GLY A 404 0.74 8.58 -9.48
CA GLY A 404 0.18 7.76 -8.37
C GLY A 404 -0.31 8.63 -7.22
N GLN A 405 0.42 9.69 -6.92
CA GLN A 405 0.14 10.62 -5.80
C GLN A 405 -0.86 11.72 -6.24
N ARG A 406 -1.41 11.64 -7.44
CA ARG A 406 -2.30 12.67 -8.04
C ARG A 406 -1.69 14.09 -8.03
N LEU A 407 -0.37 14.24 -8.26
CA LEU A 407 0.30 15.57 -8.27
C LEU A 407 0.00 16.31 -9.57
N ASP A 408 -0.20 17.62 -9.54
CA ASP A 408 -0.43 18.43 -10.76
C ASP A 408 0.88 18.56 -11.56
N GLY A 409 1.99 18.76 -10.87
CA GLY A 409 3.31 18.81 -11.49
C GLY A 409 3.59 17.55 -12.27
N ALA A 410 3.35 16.41 -11.65
CA ALA A 410 3.55 15.10 -12.29
C ALA A 410 2.72 15.06 -13.58
N TRP A 411 1.49 15.57 -13.52
CA TRP A 411 0.57 15.58 -14.68
C TRP A 411 1.19 16.39 -15.82
N TRP A 412 1.59 17.61 -15.52
CA TRP A 412 2.22 18.51 -16.53
C TRP A 412 3.44 17.82 -17.12
N VAL A 413 4.36 17.34 -16.28
CA VAL A 413 5.61 16.68 -16.73
C VAL A 413 5.21 15.55 -17.67
N ALA A 414 4.30 14.68 -17.23
CA ALA A 414 3.89 13.52 -18.03
C ALA A 414 3.33 13.98 -19.38
N VAL A 415 2.45 14.98 -19.41
CA VAL A 415 1.83 15.48 -20.67
C VAL A 415 2.94 16.02 -21.60
N PHE A 416 3.82 16.88 -21.09
CA PHE A 416 4.91 17.44 -21.92
C PHE A 416 5.73 16.29 -22.47
N SER A 417 6.17 15.38 -21.62
CA SER A 417 7.02 14.24 -22.02
C SER A 417 6.33 13.52 -23.17
N ALA A 418 5.06 13.14 -23.00
CA ALA A 418 4.35 12.31 -23.99
C ALA A 418 4.26 13.09 -25.31
N VAL A 419 3.88 14.37 -25.28
CA VAL A 419 3.69 15.16 -26.54
C VAL A 419 5.05 15.30 -27.24
N ALA A 420 6.11 15.59 -26.51
CA ALA A 420 7.47 15.71 -27.10
C ALA A 420 7.87 14.36 -27.72
N ALA A 421 7.69 13.26 -26.98
CA ALA A 421 8.11 11.91 -27.42
C ALA A 421 7.31 11.52 -28.65
N LEU A 422 6.03 11.94 -28.74
CA LEU A 422 5.21 11.69 -29.95
C LEU A 422 5.91 12.37 -31.13
N THR A 423 6.04 13.69 -31.08
CA THR A 423 6.76 14.48 -32.13
C THR A 423 8.11 13.83 -32.42
N LEU A 424 8.94 13.62 -31.40
CA LEU A 424 10.35 13.20 -31.58
C LEU A 424 10.41 11.81 -32.21
N SER A 425 9.52 10.87 -31.89
CA SER A 425 9.71 9.44 -32.29
C SER A 425 9.56 9.31 -33.81
N LEU A 426 8.70 10.14 -34.39
CA LEU A 426 8.45 10.19 -35.85
C LEU A 426 9.69 10.78 -36.53
N LEU A 427 10.28 11.82 -35.94
CA LEU A 427 11.55 12.41 -36.44
C LEU A 427 12.66 11.36 -36.38
N LYS A 428 12.73 10.53 -35.34
CA LYS A 428 13.92 9.68 -35.15
C LYS A 428 13.73 8.36 -35.87
N ALA A 429 12.50 7.88 -36.09
CA ALA A 429 12.31 6.58 -36.76
C ALA A 429 10.93 6.43 -37.43
N ILE A 430 10.19 7.52 -37.63
CA ILE A 430 8.81 7.41 -38.20
C ILE A 430 8.06 6.35 -37.39
N ALA A 431 8.15 6.41 -36.05
CA ALA A 431 7.68 5.31 -35.15
C ALA A 431 6.19 5.52 -34.85
N LEU A 432 5.34 5.10 -35.79
CA LEU A 432 3.88 5.35 -35.78
C LEU A 432 3.25 4.64 -34.58
N VAL A 433 3.67 3.41 -34.28
CA VAL A 433 3.03 2.60 -33.19
C VAL A 433 3.40 3.23 -31.83
N GLU A 434 4.61 3.76 -31.68
CA GLU A 434 5.03 4.42 -30.42
C GLU A 434 4.23 5.71 -30.31
N ALA A 435 4.13 6.46 -31.41
CA ALA A 435 3.32 7.70 -31.45
C ALA A 435 1.89 7.38 -30.99
N ALA A 436 1.32 6.27 -31.45
CA ALA A 436 -0.07 5.86 -31.13
C ALA A 436 -0.21 5.62 -29.64
N PHE A 437 0.73 4.90 -29.04
CA PHE A 437 0.68 4.57 -27.59
C PHE A 437 0.77 5.88 -26.81
N LEU A 438 1.68 6.75 -27.20
CA LEU A 438 1.87 8.05 -26.51
C LEU A 438 0.58 8.85 -26.64
N ALA A 439 -0.12 8.76 -27.78
CA ALA A 439 -1.40 9.48 -28.00
C ALA A 439 -2.47 8.92 -27.06
N PHE A 440 -2.56 7.60 -26.87
CA PHE A 440 -3.46 7.01 -25.83
C PHE A 440 -3.18 7.64 -24.47
N LEU A 441 -1.91 7.69 -24.05
CA LEU A 441 -1.53 8.33 -22.77
C LEU A 441 -2.03 9.77 -22.79
N ILE A 442 -1.81 10.56 -23.86
CA ILE A 442 -2.20 12.01 -23.83
C ILE A 442 -3.74 12.08 -23.74
N PHE A 443 -4.46 11.21 -24.42
CA PHE A 443 -5.94 11.16 -24.32
C PHE A 443 -6.34 10.99 -22.85
N GLY A 444 -5.88 9.91 -22.23
CA GLY A 444 -6.18 9.61 -20.82
C GLY A 444 -5.81 10.75 -19.89
N LEU A 445 -4.66 11.38 -20.09
CA LEU A 445 -4.22 12.47 -19.20
C LEU A 445 -5.14 13.68 -19.36
N PHE A 446 -5.54 14.03 -20.57
CA PHE A 446 -6.38 15.23 -20.81
C PHE A 446 -7.80 14.94 -20.31
N VAL A 447 -8.30 13.73 -20.48
CA VAL A 447 -9.69 13.36 -20.11
C VAL A 447 -9.88 13.45 -18.60
N SER A 448 -8.85 13.13 -17.82
CA SER A 448 -8.94 13.13 -16.34
C SER A 448 -7.91 14.11 -15.76
N ARG A 449 -7.93 15.38 -16.15
CA ARG A 449 -7.02 16.43 -15.63
C ARG A 449 -7.45 16.76 -14.19
N ARG A 450 -8.76 16.73 -13.94
CA ARG A 450 -9.41 17.11 -12.65
C ARG A 450 -8.85 16.25 -11.50
N LEU A 451 -8.43 15.02 -11.76
CA LEU A 451 -8.02 14.07 -10.68
C LEU A 451 -6.61 14.43 -10.18
N PHE A 452 -5.91 15.43 -10.74
CA PHE A 452 -4.50 15.75 -10.35
C PHE A 452 -4.36 17.20 -9.90
N THR A 453 -4.71 17.49 -8.64
CA THR A 453 -4.84 18.85 -8.08
C THR A 453 -3.82 19.09 -6.96
N ARG A 454 -2.97 18.13 -6.63
CA ARG A 454 -2.12 18.23 -5.41
C ARG A 454 -0.83 18.94 -5.80
N HIS A 455 -0.48 20.05 -5.12
CA HIS A 455 0.62 20.96 -5.53
C HIS A 455 1.92 20.62 -4.80
N ALA A 456 2.07 19.37 -4.32
CA ALA A 456 3.34 18.84 -3.76
C ALA A 456 4.36 18.68 -4.88
N SER A 457 5.64 18.97 -4.60
CA SER A 457 6.74 18.89 -5.59
C SER A 457 7.08 17.42 -5.89
N LEU A 458 7.28 17.13 -7.19
CA LEU A 458 7.58 15.78 -7.71
C LEU A 458 9.03 15.43 -7.35
N LEU A 459 9.97 16.34 -7.59
CA LEU A 459 11.41 16.12 -7.31
C LEU A 459 11.66 16.07 -5.81
N ASN A 460 11.05 16.98 -5.03
CA ASN A 460 11.24 17.06 -3.54
C ASN A 460 10.77 15.74 -2.89
N GLN A 461 9.70 15.14 -3.41
CA GLN A 461 9.07 13.91 -2.85
C GLN A 461 10.10 12.79 -2.62
N ALA A 462 11.20 12.73 -3.39
CA ALA A 462 12.24 11.66 -3.30
C ALA A 462 11.74 10.37 -4.00
N MET A 463 12.40 9.22 -3.77
CA MET A 463 12.06 7.92 -4.39
C MET A 463 12.19 6.81 -3.34
N THR A 464 11.42 5.75 -3.48
CA THR A 464 11.48 4.56 -2.58
C THR A 464 12.40 3.50 -3.21
N ALA A 465 12.83 2.54 -2.40
CA ALA A 465 13.73 1.44 -2.82
C ALA A 465 13.11 0.70 -4.01
N SER A 466 11.81 0.42 -3.93
CA SER A 466 11.04 -0.30 -4.99
C SER A 466 11.15 0.44 -6.33
N TRP A 467 10.98 1.77 -6.33
CA TRP A 467 11.02 2.56 -7.59
C TRP A 467 12.45 2.72 -8.08
N LEU A 468 13.44 2.65 -7.20
CA LEU A 468 14.86 2.62 -7.64
C LEU A 468 15.13 1.25 -8.24
N MET A 469 14.53 0.21 -7.68
CA MET A 469 14.77 -1.14 -8.22
C MET A 469 14.16 -1.21 -9.62
N ALA A 470 12.95 -0.67 -9.84
CA ALA A 470 12.29 -0.71 -11.15
C ALA A 470 13.15 0.06 -12.18
N ILE A 471 13.58 1.27 -11.84
CA ILE A 471 14.52 2.07 -12.69
C ILE A 471 15.78 1.23 -13.00
N ALA A 472 16.34 0.55 -12.00
CA ALA A 472 17.56 -0.26 -12.20
C ALA A 472 17.27 -1.42 -13.17
N VAL A 473 16.14 -2.13 -13.02
CA VAL A 473 15.85 -3.27 -13.96
C VAL A 473 15.64 -2.67 -15.35
N ILE A 474 14.99 -1.52 -15.47
CA ILE A 474 14.80 -0.88 -16.80
C ILE A 474 16.17 -0.58 -17.43
N VAL A 475 17.13 -0.08 -16.67
CA VAL A 475 18.45 0.27 -17.24
C VAL A 475 19.20 -1.02 -17.58
N VAL A 476 19.14 -2.04 -16.74
CA VAL A 476 19.88 -3.31 -17.02
C VAL A 476 19.20 -3.99 -18.22
N GLY A 477 17.86 -3.97 -18.26
CA GLY A 477 17.07 -4.44 -19.41
C GLY A 477 17.61 -3.85 -20.69
N ALA A 478 17.76 -2.52 -20.72
CA ALA A 478 18.29 -1.77 -21.88
C ALA A 478 19.71 -2.28 -22.21
N VAL A 479 20.58 -2.45 -21.24
CA VAL A 479 21.97 -2.93 -21.50
C VAL A 479 21.89 -4.32 -22.15
N VAL A 480 21.20 -5.26 -21.54
CA VAL A 480 21.00 -6.61 -22.13
C VAL A 480 20.44 -6.48 -23.56
N ILE A 481 19.41 -5.68 -23.75
CA ILE A 481 18.78 -5.56 -25.10
C ILE A 481 19.82 -5.05 -26.09
N LEU A 482 20.58 -4.02 -25.77
CA LEU A 482 21.63 -3.50 -26.68
C LEU A 482 22.66 -4.60 -26.99
N LEU A 483 23.13 -5.30 -25.97
CA LEU A 483 24.18 -6.33 -26.15
C LEU A 483 23.65 -7.49 -26.97
N PHE A 484 22.34 -7.76 -26.94
CA PHE A 484 21.71 -8.81 -27.78
C PHE A 484 21.55 -8.31 -29.23
N VAL A 485 21.04 -7.09 -29.35
CA VAL A 485 20.74 -6.46 -30.65
C VAL A 485 22.02 -6.26 -31.43
N TYR A 486 23.10 -5.78 -30.81
CA TYR A 486 24.34 -5.49 -31.56
C TYR A 486 25.43 -6.47 -31.13
N ARG A 487 25.08 -7.76 -31.01
CA ARG A 487 26.03 -8.81 -30.58
C ARG A 487 27.22 -8.83 -31.56
N ASP A 488 26.95 -8.67 -32.86
CA ASP A 488 27.97 -8.78 -33.94
C ASP A 488 28.93 -7.59 -33.95
N VAL A 489 28.45 -6.37 -33.68
CA VAL A 489 29.27 -5.12 -33.82
C VAL A 489 30.47 -5.24 -32.88
N GLU A 490 31.65 -4.86 -33.38
CA GLU A 490 32.95 -4.87 -32.64
C GLU A 490 33.16 -3.51 -31.98
N TYR A 491 33.18 -3.46 -30.65
CA TYR A 491 33.21 -2.19 -29.86
C TYR A 491 34.56 -1.50 -30.07
N SER A 492 34.51 -0.19 -30.37
CA SER A 492 35.69 0.70 -30.47
C SER A 492 35.36 2.00 -29.75
N ASN A 493 36.37 2.74 -29.31
CA ASN A 493 36.17 4.10 -28.74
C ASN A 493 35.66 5.05 -29.85
N GLU A 494 35.79 4.66 -31.11
CA GLU A 494 35.34 5.45 -32.27
C GLU A 494 33.82 5.41 -32.34
N LEU A 495 33.20 4.32 -31.90
CA LEU A 495 31.72 4.18 -31.90
C LEU A 495 31.12 5.36 -31.14
N TRP A 496 31.72 5.77 -30.04
CA TRP A 496 31.17 6.83 -29.18
C TRP A 496 31.01 8.12 -29.98
N TRP A 497 31.91 8.45 -30.91
CA TRP A 497 31.82 9.74 -31.66
C TRP A 497 31.46 9.49 -33.14
N GLN A 498 30.88 8.34 -33.48
CA GLN A 498 30.46 8.05 -34.87
C GLN A 498 29.03 8.59 -35.06
N PHE A 499 28.82 9.47 -36.02
CA PHE A 499 27.52 10.16 -36.25
C PHE A 499 27.11 10.03 -37.72
N GLU A 500 26.39 8.97 -38.06
CA GLU A 500 25.91 8.69 -39.43
C GLU A 500 24.42 8.35 -39.38
N PHE A 501 23.70 8.62 -40.47
CA PHE A 501 22.25 8.34 -40.62
C PHE A 501 21.97 6.85 -40.32
N THR A 502 22.95 5.96 -40.50
CA THR A 502 22.78 4.49 -40.33
C THR A 502 23.62 3.96 -39.17
N ALA A 503 24.13 4.83 -38.27
CA ALA A 503 24.95 4.42 -37.11
C ALA A 503 24.02 4.22 -35.90
N GLU A 504 23.31 3.10 -35.87
CA GLU A 504 22.28 2.83 -34.85
C GLU A 504 22.97 2.37 -33.57
N ALA A 505 23.99 1.50 -33.67
CA ALA A 505 24.74 1.01 -32.50
C ALA A 505 25.35 2.22 -31.75
N PRO A 506 26.19 3.09 -32.37
CA PRO A 506 26.58 4.33 -31.71
C PRO A 506 25.42 5.06 -31.04
N ARG A 507 24.36 5.34 -31.80
CA ARG A 507 23.22 6.14 -31.28
C ARG A 507 22.74 5.48 -29.98
N GLY A 508 22.55 4.17 -30.01
CA GLY A 508 22.10 3.37 -28.86
C GLY A 508 23.04 3.45 -27.68
N LEU A 509 24.32 3.17 -27.90
CA LEU A 509 25.36 3.29 -26.85
C LEU A 509 25.20 4.66 -26.16
N ARG A 510 25.04 5.73 -26.94
CA ARG A 510 24.99 7.11 -26.41
C ARG A 510 23.74 7.25 -25.54
N ALA A 511 22.57 6.83 -26.05
CA ALA A 511 21.30 6.89 -25.31
C ALA A 511 21.44 6.16 -23.98
N LEU A 512 22.09 5.00 -23.99
CA LEU A 512 22.28 4.17 -22.77
C LEU A 512 23.13 4.95 -21.76
N LEU A 513 24.29 5.48 -22.18
CA LEU A 513 25.10 6.41 -21.33
C LEU A 513 24.16 7.44 -20.72
N GLY A 514 23.41 8.16 -21.55
CA GLY A 514 22.37 9.14 -21.12
C GLY A 514 21.53 8.62 -19.97
N ILE A 515 20.73 7.58 -20.21
CA ILE A 515 19.77 7.10 -19.16
C ILE A 515 20.58 6.63 -17.94
N THR A 516 21.71 5.94 -18.11
CA THR A 516 22.58 5.51 -16.98
C THR A 516 22.92 6.73 -16.10
N ILE A 517 23.51 7.79 -16.66
CA ILE A 517 23.97 8.92 -15.81
C ILE A 517 22.73 9.55 -15.14
N ILE A 518 21.64 9.77 -15.87
CA ILE A 518 20.46 10.51 -15.31
C ILE A 518 19.83 9.65 -14.18
N SER A 519 19.76 8.34 -14.36
CA SER A 519 19.21 7.39 -13.36
C SER A 519 20.11 7.35 -12.12
N SER A 520 21.43 7.27 -12.31
CA SER A 520 22.42 7.35 -11.21
C SER A 520 22.18 8.62 -10.43
N ALA A 521 22.00 9.75 -11.12
CA ALA A 521 21.67 11.04 -10.47
C ALA A 521 20.44 10.84 -9.59
N ILE A 522 19.35 10.29 -10.14
CA ILE A 522 18.07 10.13 -9.37
C ILE A 522 18.34 9.30 -8.11
N ALA A 523 18.96 8.12 -8.25
CA ALA A 523 19.32 7.26 -7.11
C ALA A 523 20.12 8.06 -6.08
N ILE A 524 21.20 8.69 -6.52
CA ILE A 524 22.11 9.49 -5.65
C ILE A 524 21.27 10.50 -4.87
N PHE A 525 20.43 11.28 -5.54
CA PHE A 525 19.56 12.33 -4.92
C PHE A 525 18.65 11.68 -3.87
N SER A 526 17.93 10.62 -4.22
CA SER A 526 17.01 9.90 -3.30
C SER A 526 17.76 9.47 -2.03
N LEU A 527 19.01 9.03 -2.17
CA LEU A 527 19.80 8.50 -1.03
C LEU A 527 20.33 9.65 -0.17
N LEU A 528 20.82 10.75 -0.76
CA LEU A 528 21.45 11.88 -0.01
C LEU A 528 20.39 12.94 0.38
N ARG A 529 19.14 12.79 -0.04
CA ARG A 529 18.03 13.77 0.20
C ARG A 529 18.15 14.34 1.62
N PRO A 530 18.14 15.68 1.81
CA PRO A 530 18.02 16.27 3.15
C PRO A 530 16.58 16.23 3.68
N ALA A 531 16.38 16.33 4.99
CA ALA A 531 15.04 16.31 5.64
C ALA A 531 14.87 17.48 6.63
N THR A 532 15.70 18.52 6.53
CA THR A 532 15.72 19.71 7.44
C THR A 532 15.57 19.22 8.89
N PHE A 533 16.49 18.34 9.33
CA PHE A 533 16.54 17.73 10.69
C PHE A 533 15.16 17.10 10.99
N ARG A 534 14.53 17.42 12.12
CA ARG A 534 13.21 16.87 12.56
C ARG A 534 12.20 18.02 12.53
N PRO A 535 10.88 17.79 12.77
CA PRO A 535 9.91 18.88 12.76
C PRO A 535 10.02 19.73 14.05
N GLU A 536 9.43 20.92 14.03
CA GLU A 536 9.55 21.93 15.13
C GLU A 536 8.62 21.51 16.27
N PRO A 537 8.90 21.88 17.54
CA PRO A 537 8.00 21.62 18.66
C PRO A 537 6.87 22.65 18.77
N ALA A 538 6.01 22.51 19.78
CA ALA A 538 4.76 23.29 19.96
C ALA A 538 5.08 24.66 20.59
N THR A 539 5.11 25.72 19.78
CA THR A 539 5.29 27.13 20.22
C THR A 539 4.14 27.52 21.16
N GLU A 540 4.42 28.39 22.13
CA GLU A 540 3.45 28.84 23.17
C GLU A 540 2.21 29.44 22.51
N GLU A 541 2.42 30.36 21.55
CA GLU A 541 1.34 31.00 20.76
C GLU A 541 0.56 29.93 20.01
N ALA A 542 1.26 28.99 19.35
CA ALA A 542 0.65 27.91 18.54
C ALA A 542 -0.25 27.04 19.43
N LEU A 543 0.22 26.68 20.62
CA LEU A 543 -0.53 25.80 21.55
C LEU A 543 -1.90 26.44 21.88
N THR A 544 -1.91 27.74 22.20
CA THR A 544 -3.14 28.51 22.54
C THR A 544 -4.14 28.44 21.39
N ARG A 545 -3.67 28.68 20.17
CA ARG A 545 -4.55 28.73 18.97
C ARG A 545 -5.27 27.38 18.80
N ALA A 546 -4.55 26.26 18.98
CA ALA A 546 -5.11 24.89 18.87
C ALA A 546 -6.18 24.68 19.95
N VAL A 547 -5.90 25.11 21.18
CA VAL A 547 -6.77 24.84 22.38
C VAL A 547 -8.12 25.54 22.16
N GLU A 548 -8.10 26.77 21.62
CA GLU A 548 -9.33 27.56 21.30
C GLU A 548 -10.13 26.83 20.22
N ILE A 549 -9.46 26.25 19.22
CA ILE A 549 -10.13 25.41 18.18
C ILE A 549 -10.78 24.22 18.89
N VAL A 550 -10.04 23.54 19.78
CA VAL A 550 -10.53 22.35 20.54
C VAL A 550 -11.86 22.72 21.24
N ARG A 551 -11.91 23.89 21.89
CA ARG A 551 -13.02 24.26 22.82
C ARG A 551 -14.36 24.39 22.09
N LYS A 552 -14.37 24.78 20.81
CA LYS A 552 -15.65 25.05 20.07
C LYS A 552 -15.95 23.92 19.07
N GLN A 553 -15.34 22.74 19.24
CA GLN A 553 -15.69 21.51 18.45
C GLN A 553 -16.05 20.39 19.44
N GLY A 554 -16.39 19.20 18.93
CA GLY A 554 -17.07 18.11 19.67
C GLY A 554 -16.12 17.12 20.31
N ASN A 555 -14.99 16.82 19.68
CA ASN A 555 -14.07 15.73 20.12
C ASN A 555 -13.31 16.18 21.37
N ALA A 556 -13.57 15.52 22.51
CA ALA A 556 -13.01 15.90 23.82
C ALA A 556 -11.52 15.53 23.91
N ASP A 557 -11.10 14.42 23.28
CA ASP A 557 -9.71 13.88 23.46
C ASP A 557 -8.71 14.80 22.74
N ALA A 558 -9.19 15.71 21.87
CA ALA A 558 -8.40 16.77 21.21
C ALA A 558 -7.71 17.65 22.25
N ASN A 559 -8.23 17.69 23.48
CA ASN A 559 -7.61 18.42 24.61
C ASN A 559 -6.18 17.92 24.88
N LEU A 560 -5.78 16.76 24.35
CA LEU A 560 -4.40 16.22 24.58
C LEU A 560 -3.32 17.10 23.92
N VAL A 561 -3.68 18.01 23.02
CA VAL A 561 -2.73 19.01 22.43
C VAL A 561 -2.15 19.89 23.55
N ARG A 562 -2.92 20.12 24.63
CA ARG A 562 -2.52 20.94 25.81
C ARG A 562 -1.24 20.40 26.47
N MET A 563 -0.95 19.10 26.35
CA MET A 563 0.32 18.50 26.89
C MET A 563 1.55 19.20 26.30
N GLY A 564 1.48 19.66 25.05
CA GLY A 564 2.58 20.39 24.38
C GLY A 564 3.74 19.50 23.98
N ASP A 565 3.53 18.18 23.93
CA ASP A 565 4.56 17.18 23.50
C ASP A 565 4.41 16.87 22.01
N LYS A 566 3.40 17.45 21.34
CA LYS A 566 3.04 17.14 19.93
C LYS A 566 3.18 18.42 19.09
N SER A 567 3.76 18.32 17.89
CA SER A 567 3.83 19.40 16.86
C SER A 567 2.42 19.72 16.38
N ILE A 568 2.14 20.97 15.99
CA ILE A 568 0.81 21.37 15.47
C ILE A 568 0.99 22.03 14.09
N MET A 569 0.18 21.61 13.11
CA MET A 569 0.11 22.24 11.75
C MET A 569 -1.36 22.51 11.41
N PHE A 570 -1.67 23.76 11.08
CA PHE A 570 -3.06 24.30 10.94
C PHE A 570 -3.52 24.20 9.49
N SER A 571 -4.83 24.21 9.26
CA SER A 571 -5.42 24.42 7.92
C SER A 571 -5.18 25.88 7.51
N GLU A 572 -5.30 26.20 6.22
CA GLU A 572 -4.92 27.53 5.66
C GLU A 572 -5.74 28.65 6.33
N LYS A 573 -7.04 28.42 6.54
CA LYS A 573 -7.99 29.41 7.11
C LYS A 573 -7.83 29.49 8.64
N GLY A 574 -7.22 28.48 9.26
CA GLY A 574 -6.80 28.49 10.68
C GLY A 574 -7.86 27.96 11.64
N ASP A 575 -8.92 27.30 11.16
CA ASP A 575 -10.08 26.80 11.97
C ASP A 575 -10.05 25.27 12.10
N ALA A 576 -8.88 24.66 11.85
CA ALA A 576 -8.63 23.21 12.05
C ALA A 576 -7.13 22.96 12.16
N PHE A 577 -6.73 21.82 12.72
CA PHE A 577 -5.31 21.44 12.91
C PHE A 577 -5.13 19.94 13.06
N ILE A 578 -3.92 19.46 12.73
CA ILE A 578 -3.42 18.10 13.07
C ILE A 578 -2.28 18.26 14.08
N MET A 579 -2.29 17.42 15.13
CA MET A 579 -1.22 17.31 16.16
C MET A 579 -0.49 15.99 15.92
N TYR A 580 0.84 16.00 15.95
CA TYR A 580 1.62 14.83 15.51
C TYR A 580 2.99 14.76 16.17
N GLY A 581 3.60 13.59 16.04
CA GLY A 581 4.90 13.24 16.62
C GLY A 581 5.84 12.75 15.55
N ARG A 582 7.13 12.77 15.90
CA ARG A 582 8.32 12.50 15.05
C ARG A 582 9.09 11.36 15.70
N GLN A 583 9.27 10.22 15.03
CA GLN A 583 10.04 9.10 15.61
C GLN A 583 10.63 8.24 14.49
N GLY A 584 11.97 8.19 14.42
CA GLY A 584 12.73 7.56 13.33
C GLY A 584 12.22 8.04 11.99
N ARG A 585 11.71 7.12 11.17
CA ARG A 585 11.29 7.40 9.78
C ARG A 585 9.75 7.50 9.69
N SER A 586 9.04 7.79 10.79
CA SER A 586 7.57 7.98 10.81
C SER A 586 7.20 9.37 11.34
N TRP A 587 6.24 10.00 10.69
CA TRP A 587 5.43 11.13 11.23
C TRP A 587 4.11 10.52 11.68
N ILE A 588 3.77 10.62 12.97
CA ILE A 588 2.55 9.98 13.51
C ILE A 588 1.61 11.07 14.03
N ALA A 589 0.47 11.25 13.38
CA ALA A 589 -0.62 12.14 13.79
C ALA A 589 -1.47 11.44 14.85
N LEU A 590 -2.13 12.22 15.70
CA LEU A 590 -2.92 11.70 16.84
C LEU A 590 -4.41 12.06 16.66
N PHE A 591 -5.29 11.06 16.62
CA PHE A 591 -6.75 11.17 16.87
C PHE A 591 -7.45 12.13 15.92
N ASP A 592 -7.32 11.92 14.60
CA ASP A 592 -8.08 12.64 13.53
C ASP A 592 -7.70 14.12 13.48
N PRO A 593 -7.86 14.80 12.33
CA PRO A 593 -7.79 16.26 12.29
C PRO A 593 -8.90 16.88 13.17
N VAL A 594 -8.61 18.04 13.79
CA VAL A 594 -9.47 18.68 14.82
C VAL A 594 -9.98 20.02 14.32
N GLY A 595 -11.30 20.26 14.40
CA GLY A 595 -11.91 21.57 14.13
C GLY A 595 -12.97 21.50 13.06
N ASP A 596 -12.99 22.48 12.15
CA ASP A 596 -14.03 22.64 11.09
C ASP A 596 -13.95 21.47 10.10
N HIS A 597 -15.04 20.70 9.99
CA HIS A 597 -15.16 19.47 9.16
C HIS A 597 -14.69 19.72 7.71
N GLY A 598 -14.95 20.91 7.15
CA GLY A 598 -14.59 21.32 5.79
C GLY A 598 -13.09 21.30 5.50
N ALA A 599 -12.24 21.49 6.52
CA ALA A 599 -10.76 21.58 6.37
C ALA A 599 -10.08 20.20 6.47
N VAL A 600 -10.82 19.15 6.86
CA VAL A 600 -10.24 17.78 7.10
C VAL A 600 -9.61 17.24 5.81
N GLN A 601 -10.34 17.22 4.68
CA GLN A 601 -9.83 16.64 3.39
C GLN A 601 -8.44 17.23 3.12
N GLU A 602 -8.35 18.56 3.10
CA GLU A 602 -7.10 19.30 2.75
C GLU A 602 -6.00 18.88 3.74
N LEU A 603 -6.31 18.90 5.04
CA LEU A 603 -5.29 18.66 6.11
C LEU A 603 -4.75 17.24 6.03
N VAL A 604 -5.61 16.23 5.78
CA VAL A 604 -5.18 14.80 5.65
C VAL A 604 -4.13 14.73 4.54
N TRP A 605 -4.46 15.31 3.38
CA TRP A 605 -3.60 15.34 2.17
C TRP A 605 -2.30 16.10 2.47
N ARG A 606 -2.42 17.28 3.09
CA ARG A 606 -1.26 18.16 3.41
C ARG A 606 -0.27 17.44 4.33
N PHE A 607 -0.76 16.67 5.34
CA PHE A 607 0.06 15.93 6.32
C PHE A 607 0.88 14.88 5.55
N VAL A 608 0.21 14.12 4.68
CA VAL A 608 0.83 12.95 3.98
C VAL A 608 1.92 13.47 3.04
N GLU A 609 1.69 14.63 2.41
CA GLU A 609 2.65 15.28 1.46
C GLU A 609 3.86 15.80 2.21
N ALA A 610 3.63 16.53 3.31
CA ALA A 610 4.71 17.16 4.12
C ALA A 610 5.56 16.05 4.75
N ALA A 611 4.91 14.97 5.21
CA ALA A 611 5.59 13.76 5.73
C ALA A 611 6.52 13.20 4.63
N ARG A 612 6.00 13.10 3.41
CA ARG A 612 6.72 12.64 2.18
C ARG A 612 7.92 13.57 1.92
N ALA A 613 7.72 14.89 2.05
CA ALA A 613 8.75 15.93 1.77
C ALA A 613 9.92 15.76 2.72
N ALA A 614 9.66 15.33 3.96
CA ALA A 614 10.70 15.17 5.01
C ALA A 614 11.32 13.77 4.95
N GLY A 615 10.88 12.93 4.00
CA GLY A 615 11.42 11.58 3.77
C GLY A 615 10.90 10.59 4.80
N CYS A 616 9.71 10.86 5.36
CA CYS A 616 9.11 10.04 6.45
C CYS A 616 7.77 9.46 5.99
N ARG A 617 7.42 8.27 6.46
CA ARG A 617 6.07 7.66 6.26
C ARG A 617 5.06 8.47 7.08
N ALA A 618 3.86 8.71 6.56
CA ALA A 618 2.73 9.31 7.30
C ALA A 618 1.97 8.20 8.01
N VAL A 619 1.55 8.46 9.24
CA VAL A 619 0.83 7.51 10.12
C VAL A 619 -0.22 8.32 10.87
N PHE A 620 -1.48 7.91 10.80
CA PHE A 620 -2.53 8.42 11.72
C PHE A 620 -2.82 7.30 12.71
N TYR A 621 -2.65 7.59 13.99
CA TYR A 621 -2.83 6.66 15.13
C TYR A 621 -4.21 6.90 15.73
N GLN A 622 -5.07 5.88 15.69
CA GLN A 622 -6.45 5.83 16.29
C GLN A 622 -7.39 6.79 15.57
N ILE A 623 -7.57 6.61 14.27
CA ILE A 623 -8.53 7.42 13.47
C ILE A 623 -9.90 6.73 13.48
N SER A 624 -10.95 7.52 13.31
CA SER A 624 -12.35 7.05 13.28
C SER A 624 -12.69 6.58 11.88
N PRO A 625 -13.76 5.76 11.70
CA PRO A 625 -14.29 5.43 10.38
C PRO A 625 -14.58 6.63 9.44
N ALA A 626 -14.94 7.79 9.97
CA ALA A 626 -15.21 9.02 9.17
C ALA A 626 -13.97 9.47 8.37
N LEU A 627 -12.75 9.20 8.81
CA LEU A 627 -11.52 9.65 8.10
C LEU A 627 -10.87 8.56 7.25
N LEU A 628 -11.53 7.40 7.10
CA LEU A 628 -10.91 6.27 6.37
C LEU A 628 -10.89 6.55 4.87
N SER A 629 -12.02 7.06 4.33
CA SER A 629 -12.21 7.47 2.92
C SER A 629 -11.12 8.47 2.51
N HIS A 630 -10.99 9.59 3.24
CA HIS A 630 -10.00 10.66 2.95
C HIS A 630 -8.60 10.07 3.02
N CYS A 631 -8.33 9.19 3.98
CA CYS A 631 -7.01 8.51 4.16
C CYS A 631 -6.73 7.57 2.97
N ALA A 632 -7.75 6.87 2.46
CA ALA A 632 -7.65 5.90 1.34
C ALA A 632 -7.22 6.62 0.06
N ASP A 633 -7.84 7.77 -0.24
CA ASP A 633 -7.45 8.66 -1.38
C ASP A 633 -5.95 8.95 -1.28
N ALA A 634 -5.49 9.38 -0.11
CA ALA A 634 -4.10 9.82 0.11
C ALA A 634 -3.13 8.64 -0.03
N GLY A 635 -3.63 7.41 -0.07
CA GLY A 635 -2.82 6.19 -0.31
C GLY A 635 -2.35 5.56 0.99
N LEU A 636 -3.22 5.53 2.02
CA LEU A 636 -2.93 4.90 3.32
C LEU A 636 -3.86 3.70 3.53
N ARG A 637 -3.32 2.67 4.17
CA ARG A 637 -4.04 1.41 4.50
C ARG A 637 -4.29 1.41 6.01
N ALA A 638 -5.52 1.13 6.42
CA ALA A 638 -6.03 1.25 7.80
C ALA A 638 -6.14 -0.15 8.43
N PHE A 639 -5.63 -0.31 9.64
CA PHE A 639 -5.60 -1.59 10.40
C PHE A 639 -6.27 -1.34 11.73
N LYS A 640 -7.36 -2.04 12.04
CA LYS A 640 -8.16 -1.84 13.29
C LYS A 640 -7.24 -2.06 14.51
N LEU A 641 -7.12 -1.03 15.35
CA LEU A 641 -6.29 -1.02 16.60
C LEU A 641 -7.09 -1.64 17.75
N GLY A 642 -8.39 -1.35 17.80
CA GLY A 642 -9.23 -1.52 18.99
C GLY A 642 -10.53 -0.78 18.84
N GLU A 643 -11.24 -0.53 19.94
CA GLU A 643 -12.56 0.14 19.94
C GLU A 643 -12.66 1.15 21.08
N LEU A 644 -13.22 2.34 20.85
CA LEU A 644 -13.60 3.28 21.95
C LEU A 644 -14.94 2.82 22.52
N ALA A 645 -15.10 2.88 23.83
CA ALA A 645 -16.39 2.64 24.52
C ALA A 645 -17.06 3.99 24.76
N VAL A 646 -18.12 4.33 24.02
CA VAL A 646 -18.78 5.65 24.15
C VAL A 646 -20.18 5.44 24.76
N ALA A 647 -20.44 6.08 25.91
CA ALA A 647 -21.71 5.97 26.67
C ALA A 647 -22.63 7.17 26.36
N ASP A 648 -23.85 6.89 25.92
CA ASP A 648 -24.90 7.92 25.69
C ASP A 648 -25.40 8.39 27.06
N LEU A 649 -24.99 9.59 27.49
CA LEU A 649 -25.34 10.14 28.84
C LEU A 649 -26.82 10.55 28.91
N ARG A 650 -27.50 10.77 27.77
CA ARG A 650 -28.90 11.29 27.74
C ARG A 650 -29.91 10.19 28.12
N THR A 651 -29.49 8.92 28.19
CA THR A 651 -30.32 7.76 28.63
C THR A 651 -29.51 6.90 29.63
N PHE A 652 -28.52 7.49 30.29
CA PHE A 652 -27.74 6.88 31.39
C PHE A 652 -28.60 7.03 32.65
N GLU A 653 -29.48 6.04 32.89
CA GLU A 653 -30.48 6.04 33.99
C GLU A 653 -30.00 5.07 35.08
N MET A 654 -29.36 5.60 36.12
CA MET A 654 -28.78 4.82 37.24
C MET A 654 -29.89 4.15 38.06
N LYS A 655 -31.04 4.80 38.24
CA LYS A 655 -32.16 4.26 39.06
C LYS A 655 -32.95 3.20 38.26
N GLY A 656 -32.58 2.95 37.00
CA GLY A 656 -33.16 1.87 36.17
C GLY A 656 -32.54 0.52 36.52
N GLY A 657 -33.30 -0.57 36.32
CA GLY A 657 -32.88 -1.94 36.63
C GLY A 657 -31.62 -2.37 35.88
N LYS A 658 -31.38 -1.79 34.69
CA LYS A 658 -30.28 -2.16 33.76
C LYS A 658 -28.90 -1.83 34.36
N TRP A 659 -28.80 -0.75 35.14
CA TRP A 659 -27.52 -0.27 35.75
C TRP A 659 -27.59 -0.39 37.29
N ALA A 660 -28.25 -1.45 37.79
CA ALA A 660 -28.53 -1.66 39.23
C ALA A 660 -27.23 -1.83 40.03
N ASN A 661 -26.24 -2.55 39.48
CA ASN A 661 -24.96 -2.84 40.19
C ASN A 661 -24.10 -1.56 40.21
N LEU A 662 -24.05 -0.83 39.09
CA LEU A 662 -23.38 0.51 39.04
C LEU A 662 -23.98 1.35 40.17
N ARG A 663 -25.31 1.29 40.33
CA ARG A 663 -26.02 1.98 41.43
C ARG A 663 -25.54 1.39 42.76
N GLN A 664 -25.53 0.05 42.88
CA GLN A 664 -25.20 -0.68 44.14
C GLN A 664 -23.80 -0.30 44.64
N THR A 665 -22.82 -0.19 43.74
CA THR A 665 -21.40 0.03 44.15
C THR A 665 -21.20 1.49 44.61
N ALA A 666 -22.03 2.44 44.16
CA ALA A 666 -22.03 3.83 44.69
C ALA A 666 -22.40 3.77 46.17
N SER A 667 -23.43 2.98 46.52
CA SER A 667 -23.83 2.73 47.92
C SER A 667 -22.69 2.03 48.67
N ARG A 668 -22.01 1.08 48.02
CA ARG A 668 -20.85 0.36 48.63
C ARG A 668 -19.74 1.38 48.92
N ALA A 669 -19.50 2.33 47.99
CA ALA A 669 -18.52 3.43 48.17
C ALA A 669 -18.94 4.30 49.35
N GLN A 670 -20.25 4.58 49.49
CA GLN A 670 -20.80 5.37 50.63
C GLN A 670 -20.55 4.60 51.94
N ARG A 671 -20.69 3.27 51.94
CA ARG A 671 -20.37 2.40 53.11
C ARG A 671 -18.87 2.54 53.44
N ASP A 672 -18.02 2.66 52.42
CA ASP A 672 -16.56 2.89 52.60
C ASP A 672 -16.29 4.38 52.82
N GLY A 673 -17.34 5.21 52.89
CA GLY A 673 -17.27 6.66 53.14
C GLY A 673 -16.44 7.37 52.09
N LEU A 674 -16.72 7.12 50.82
CA LEU A 674 -16.05 7.82 49.68
C LEU A 674 -16.87 9.06 49.30
N GLU A 675 -16.18 10.16 49.03
CA GLU A 675 -16.77 11.48 48.65
C GLU A 675 -16.21 11.89 47.29
N PHE A 676 -17.01 12.57 46.47
CA PHE A 676 -16.66 12.99 45.08
C PHE A 676 -16.83 14.49 44.91
N ALA A 677 -15.90 15.12 44.19
CA ALA A 677 -15.92 16.57 43.86
C ALA A 677 -15.21 16.82 42.54
N VAL A 678 -15.67 17.80 41.78
CA VAL A 678 -15.01 18.32 40.55
C VAL A 678 -14.32 19.63 40.94
N VAL A 679 -12.98 19.64 40.97
CA VAL A 679 -12.17 20.86 41.30
C VAL A 679 -11.95 21.64 40.01
N GLU A 680 -12.47 22.86 39.93
CA GLU A 680 -12.33 23.75 38.74
C GLU A 680 -10.86 24.18 38.63
N PRO A 681 -10.35 24.44 37.40
CA PRO A 681 -8.91 24.63 37.17
C PRO A 681 -8.12 25.52 38.14
N GLU A 682 -8.62 26.72 38.51
CA GLU A 682 -7.87 27.71 39.33
C GLU A 682 -7.65 27.22 40.78
N ASN A 683 -8.41 26.22 41.23
CA ASN A 683 -8.30 25.64 42.60
C ASN A 683 -7.48 24.34 42.57
N VAL A 684 -7.08 23.87 41.37
CA VAL A 684 -6.20 22.67 41.22
C VAL A 684 -4.86 22.92 41.93
N PRO A 685 -4.27 24.14 41.91
CA PRO A 685 -3.00 24.39 42.60
C PRO A 685 -3.05 24.02 44.10
N ASP A 686 -4.19 24.21 44.75
CA ASP A 686 -4.39 23.96 46.20
C ASP A 686 -4.33 22.45 46.51
N ILE A 687 -4.53 21.57 45.52
CA ILE A 687 -4.50 20.08 45.73
C ILE A 687 -3.36 19.42 44.91
N ILE A 688 -2.52 20.18 44.20
CA ILE A 688 -1.43 19.63 43.33
C ILE A 688 -0.56 18.67 44.16
N ASP A 689 -0.05 19.13 45.30
CA ASP A 689 0.85 18.35 46.20
C ASP A 689 0.20 17.00 46.53
N GLU A 690 -1.10 17.02 46.87
CA GLU A 690 -1.87 15.81 47.26
C GLU A 690 -2.07 14.93 46.00
N LEU A 691 -2.32 15.54 44.84
CA LEU A 691 -2.48 14.80 43.56
C LEU A 691 -1.12 14.15 43.19
N ALA A 692 -0.01 14.89 43.35
CA ALA A 692 1.36 14.44 43.00
C ALA A 692 1.70 13.16 43.77
N ALA A 693 1.39 13.13 45.09
CA ALA A 693 1.65 11.98 45.98
C ALA A 693 0.89 10.74 45.49
N VAL A 694 -0.39 10.92 45.15
CA VAL A 694 -1.30 9.83 44.66
C VAL A 694 -0.74 9.28 43.35
N SER A 695 -0.34 10.17 42.43
CA SER A 695 0.15 9.85 41.06
C SER A 695 1.36 8.91 41.14
N THR A 696 2.39 9.26 41.92
CA THR A 696 3.65 8.46 42.02
C THR A 696 3.36 7.17 42.79
N ALA A 697 2.56 7.25 43.86
CA ALA A 697 2.14 6.06 44.64
C ALA A 697 1.57 5.03 43.66
N TRP A 698 0.76 5.49 42.70
CA TRP A 698 0.19 4.65 41.61
C TRP A 698 1.31 4.13 40.70
N LEU A 699 2.26 4.99 40.32
CA LEU A 699 3.32 4.63 39.33
C LEU A 699 4.13 3.43 39.85
N GLU A 700 4.63 3.49 41.09
CA GLU A 700 5.45 2.41 41.69
C GLU A 700 4.57 1.20 42.02
N HIS A 701 3.33 1.42 42.51
CA HIS A 701 2.39 0.32 42.82
C HIS A 701 2.24 -0.56 41.58
N HIS A 702 2.05 0.04 40.40
CA HIS A 702 1.99 -0.66 39.09
C HIS A 702 3.39 -0.83 38.49
N ASN A 703 4.44 -0.34 39.17
CA ASN A 703 5.86 -0.56 38.78
C ASN A 703 6.04 -0.07 37.34
N ALA A 704 5.54 1.13 37.03
CA ALA A 704 5.47 1.69 35.67
C ALA A 704 6.05 3.11 35.65
N LYS A 705 6.30 3.64 34.45
CA LYS A 705 6.81 5.02 34.21
C LYS A 705 5.75 5.80 33.41
N GLU A 706 5.91 7.12 33.31
CA GLU A 706 4.98 8.01 32.58
C GLU A 706 5.01 7.69 31.08
N LYS A 707 3.89 7.91 30.40
CA LYS A 707 3.74 7.76 28.92
C LYS A 707 3.70 9.16 28.29
N GLY A 708 3.58 9.21 26.96
CA GLY A 708 3.40 10.46 26.19
C GLY A 708 2.49 10.26 25.01
N PHE A 709 2.29 11.31 24.21
CA PHE A 709 1.64 11.29 22.87
C PHE A 709 0.13 11.07 23.01
N SER A 710 -0.33 9.82 23.14
CA SER A 710 -1.77 9.45 23.20
C SER A 710 -2.27 9.47 24.65
N LEU A 711 -1.35 9.55 25.62
CA LEU A 711 -1.66 9.52 27.08
C LEU A 711 -1.00 10.74 27.72
N GLY A 712 -1.72 11.45 28.58
CA GLY A 712 -1.16 12.51 29.44
C GLY A 712 -0.27 11.94 30.52
N SER A 713 0.68 12.73 31.01
CA SER A 713 1.58 12.40 32.14
C SER A 713 1.48 13.52 33.18
N PHE A 714 1.72 13.20 34.45
CA PHE A 714 1.53 14.15 35.58
C PHE A 714 2.57 15.27 35.48
N ASP A 715 2.25 16.29 34.69
CA ASP A 715 3.00 17.56 34.58
C ASP A 715 2.13 18.64 35.19
N PRO A 716 2.53 19.27 36.33
CA PRO A 716 1.70 20.25 37.03
C PRO A 716 0.92 21.24 36.14
N ASP A 717 1.59 21.89 35.19
CA ASP A 717 0.97 22.88 34.28
C ASP A 717 -0.12 22.20 33.44
N TYR A 718 0.09 20.95 32.98
CA TYR A 718 -0.93 20.20 32.22
C TYR A 718 -2.12 19.89 33.15
N VAL A 719 -1.85 19.35 34.33
CA VAL A 719 -2.91 18.96 35.32
C VAL A 719 -3.69 20.24 35.69
N SER A 720 -3.01 21.39 35.77
CA SER A 720 -3.61 22.70 36.16
C SER A 720 -4.53 23.26 35.07
N ALA A 721 -4.47 22.79 33.81
CA ALA A 721 -5.16 23.43 32.66
C ALA A 721 -6.62 22.99 32.54
N GLN A 722 -7.06 21.96 33.27
CA GLN A 722 -8.40 21.36 33.11
C GLN A 722 -8.99 20.99 34.48
N PRO A 723 -10.33 20.80 34.58
CA PRO A 723 -10.93 20.40 35.86
C PRO A 723 -10.43 18.99 36.27
N VAL A 724 -10.41 18.72 37.56
CA VAL A 724 -10.00 17.41 38.14
C VAL A 724 -11.14 16.86 38.98
N GLY A 725 -11.65 15.68 38.60
CA GLY A 725 -12.49 14.85 39.48
C GLY A 725 -11.64 14.19 40.55
N ILE A 726 -11.94 14.45 41.83
CA ILE A 726 -11.16 13.90 42.97
C ILE A 726 -12.07 13.03 43.83
N LEU A 727 -11.49 11.98 44.41
CA LEU A 727 -12.16 11.00 45.29
C LEU A 727 -11.52 11.11 46.67
N LYS A 728 -12.33 11.25 47.73
CA LYS A 728 -11.81 11.52 49.11
C LYS A 728 -12.36 10.48 50.08
N LYS A 729 -11.49 9.99 50.97
CA LYS A 729 -11.79 9.05 52.08
C LYS A 729 -11.07 9.56 53.32
N ASP A 730 -11.78 9.66 54.45
CA ASP A 730 -11.23 10.17 55.73
C ASP A 730 -10.61 11.55 55.51
N GLY A 731 -11.30 12.41 54.73
CA GLY A 731 -10.88 13.78 54.38
C GLY A 731 -9.57 13.86 53.63
N LYS A 732 -9.19 12.80 52.88
CA LYS A 732 -7.90 12.76 52.13
C LYS A 732 -8.15 12.24 50.70
N ILE A 733 -7.54 12.88 49.70
CA ILE A 733 -7.68 12.48 48.27
C ILE A 733 -7.02 11.11 48.11
N VAL A 734 -7.79 10.13 47.64
CA VAL A 734 -7.34 8.71 47.44
C VAL A 734 -7.32 8.38 45.94
N ALA A 735 -7.92 9.22 45.08
CA ALA A 735 -8.00 9.01 43.62
C ALA A 735 -8.33 10.33 42.90
N PHE A 736 -7.94 10.44 41.62
CA PHE A 736 -8.27 11.61 40.77
C PHE A 736 -8.26 11.22 39.29
N ALA A 737 -8.88 12.07 38.47
CA ALA A 737 -8.93 12.00 37.00
C ALA A 737 -9.14 13.40 36.42
N ASN A 738 -8.25 13.87 35.54
CA ASN A 738 -8.44 15.16 34.82
C ASN A 738 -9.58 14.93 33.81
N ILE A 739 -10.56 15.83 33.79
CA ILE A 739 -11.77 15.71 32.91
C ILE A 739 -11.58 16.63 31.70
N LEU A 740 -11.64 16.05 30.49
CA LEU A 740 -11.46 16.74 29.19
C LEU A 740 -12.86 17.05 28.64
N VAL A 741 -13.18 18.33 28.46
CA VAL A 741 -14.50 18.79 27.92
C VAL A 741 -14.27 19.88 26.86
N THR A 742 -15.33 20.21 26.13
CA THR A 742 -15.42 21.36 25.18
C THR A 742 -16.66 22.18 25.52
N GLU A 743 -16.78 23.38 24.94
CA GLU A 743 -17.90 24.32 25.18
C GLU A 743 -19.19 23.81 24.49
N SER A 744 -19.10 22.86 23.56
CA SER A 744 -20.26 22.37 22.74
C SER A 744 -21.10 21.32 23.50
N LYS A 745 -20.56 20.73 24.57
CA LYS A 745 -21.24 19.72 25.44
C LYS A 745 -21.58 18.43 24.65
N GLU A 746 -20.85 18.12 23.57
CA GLU A 746 -21.14 16.93 22.72
C GLU A 746 -20.53 15.67 23.36
N GLU A 747 -19.38 15.81 24.03
CA GLU A 747 -18.62 14.65 24.57
C GLU A 747 -17.69 15.13 25.70
N GLY A 748 -17.53 14.28 26.72
CA GLY A 748 -16.51 14.42 27.77
C GLY A 748 -15.69 13.15 27.88
N THR A 749 -14.45 13.25 28.37
CA THR A 749 -13.60 12.07 28.65
C THR A 749 -12.67 12.39 29.82
N ILE A 750 -11.90 11.39 30.25
CA ILE A 750 -10.83 11.53 31.26
C ILE A 750 -9.52 11.07 30.62
N ASP A 751 -8.39 11.58 31.12
CA ASP A 751 -7.04 11.27 30.57
C ASP A 751 -6.30 10.45 31.63
N LEU A 752 -5.64 11.10 32.60
CA LEU A 752 -5.10 10.41 33.80
C LEU A 752 -6.31 9.97 34.65
N MET A 753 -6.21 8.80 35.25
CA MET A 753 -7.11 8.36 36.35
C MET A 753 -6.28 7.45 37.24
N ARG A 754 -6.00 7.88 38.47
CA ARG A 754 -5.01 7.19 39.34
C ARG A 754 -5.57 7.11 40.77
N PHE A 755 -5.20 6.04 41.45
CA PHE A 755 -5.68 5.63 42.79
C PHE A 755 -4.47 5.33 43.67
N SER A 756 -4.50 5.77 44.94
CA SER A 756 -3.50 5.35 45.97
C SER A 756 -3.66 3.86 46.20
N PRO A 757 -2.60 3.11 46.57
CA PRO A 757 -2.73 1.67 46.83
C PRO A 757 -3.89 1.33 47.80
N ASP A 758 -4.22 2.24 48.72
CA ASP A 758 -5.23 2.05 49.80
C ASP A 758 -6.66 2.39 49.34
N ALA A 759 -6.87 2.90 48.12
CA ALA A 759 -8.24 3.21 47.61
C ALA A 759 -9.09 1.95 47.70
N PRO A 760 -10.29 2.01 48.33
CA PRO A 760 -11.11 0.82 48.53
C PRO A 760 -11.69 0.26 47.22
N LYS A 761 -12.02 -1.04 47.22
CA LYS A 761 -12.63 -1.74 46.06
C LYS A 761 -13.94 -1.04 45.69
N GLY A 762 -14.16 -0.82 44.39
CA GLY A 762 -15.32 -0.08 43.84
C GLY A 762 -14.99 1.39 43.55
N SER A 763 -13.79 1.85 43.92
CA SER A 763 -13.34 3.27 43.78
C SER A 763 -13.50 3.76 42.33
N MET A 764 -13.19 2.93 41.33
CA MET A 764 -13.32 3.32 39.89
C MET A 764 -14.82 3.40 39.59
N ASP A 765 -15.57 2.33 39.90
CA ASP A 765 -17.05 2.29 39.71
C ASP A 765 -17.60 3.62 40.21
N PHE A 766 -17.28 3.97 41.46
CA PHE A 766 -17.76 5.23 42.10
C PHE A 766 -17.30 6.44 41.27
N LEU A 767 -16.00 6.54 40.97
CA LEU A 767 -15.42 7.72 40.28
C LEU A 767 -16.11 7.91 38.93
N PHE A 768 -16.16 6.86 38.10
CA PHE A 768 -16.77 6.89 36.74
C PHE A 768 -18.25 7.26 36.83
N VAL A 769 -19.00 6.60 37.73
CA VAL A 769 -20.49 6.77 37.83
C VAL A 769 -20.79 8.24 38.17
N GLN A 770 -20.02 8.85 39.09
CA GLN A 770 -20.26 10.24 39.55
C GLN A 770 -19.85 11.23 38.45
N ILE A 771 -18.71 11.00 37.78
CA ILE A 771 -18.23 11.88 36.66
C ILE A 771 -19.34 11.93 35.60
N MET A 772 -19.92 10.78 35.23
CA MET A 772 -20.92 10.69 34.13
C MET A 772 -22.23 11.38 34.54
N GLU A 773 -22.65 11.26 35.80
CA GLU A 773 -23.90 11.91 36.29
C GLU A 773 -23.71 13.43 36.31
N TYR A 774 -22.56 13.90 36.83
CA TYR A 774 -22.16 15.33 36.79
C TYR A 774 -22.23 15.83 35.34
N LEU A 775 -21.59 15.10 34.42
CA LEU A 775 -21.60 15.43 32.97
C LEU A 775 -23.03 15.38 32.45
N ARG A 776 -23.82 14.37 32.84
CA ARG A 776 -25.21 14.15 32.36
C ARG A 776 -26.07 15.39 32.68
N ASN A 777 -26.02 15.90 33.91
CA ASN A 777 -26.97 16.97 34.39
C ASN A 777 -26.55 18.35 33.86
N GLN A 778 -25.25 18.63 33.74
CA GLN A 778 -24.73 19.89 33.12
C GLN A 778 -25.05 19.90 31.61
N GLY A 779 -25.35 18.73 31.03
CA GLY A 779 -26.00 18.58 29.71
C GLY A 779 -25.12 18.00 28.62
N PHE A 780 -23.99 17.36 28.95
CA PHE A 780 -23.11 16.68 27.96
C PHE A 780 -23.85 15.43 27.46
N THR A 781 -23.76 15.14 26.15
CA THR A 781 -24.55 14.06 25.47
C THR A 781 -23.82 12.71 25.55
N HIS A 782 -22.48 12.68 25.49
CA HIS A 782 -21.72 11.39 25.45
C HIS A 782 -20.52 11.43 26.41
N PHE A 783 -20.14 10.26 26.93
CA PHE A 783 -18.90 10.08 27.72
C PHE A 783 -18.04 8.97 27.10
N ASN A 784 -16.77 9.30 26.84
CA ASN A 784 -15.77 8.43 26.19
C ASN A 784 -15.00 7.69 27.29
N LEU A 785 -15.21 6.37 27.42
CA LEU A 785 -14.49 5.52 28.41
C LEU A 785 -13.07 5.18 27.91
N GLY A 786 -12.76 5.48 26.65
CA GLY A 786 -11.41 5.29 26.09
C GLY A 786 -11.25 3.95 25.38
N MET A 787 -10.03 3.67 24.94
CA MET A 787 -9.74 2.53 24.03
C MET A 787 -9.78 1.22 24.84
N ALA A 788 -10.32 0.18 24.22
CA ALA A 788 -10.27 -1.22 24.69
C ALA A 788 -9.74 -2.10 23.57
N PRO A 789 -8.87 -3.10 23.83
CA PRO A 789 -8.33 -3.93 22.74
C PRO A 789 -9.40 -4.91 22.21
N LEU A 790 -9.02 -5.66 21.18
CA LEU A 790 -9.98 -6.44 20.35
C LEU A 790 -10.46 -7.65 21.16
N SER A 791 -11.74 -8.01 21.00
CA SER A 791 -12.42 -9.12 21.71
C SER A 791 -12.29 -10.42 20.90
N ALA A 798 -13.29 -14.13 10.36
CA ALA A 798 -12.95 -12.75 10.79
C ALA A 798 -11.44 -12.52 10.70
N ALA A 799 -10.62 -13.54 11.02
CA ALA A 799 -9.15 -13.51 10.86
C ALA A 799 -8.82 -13.61 9.38
N PRO A 800 -7.86 -12.80 8.84
CA PRO A 800 -7.36 -13.01 7.48
C PRO A 800 -6.84 -14.45 7.30
N VAL A 801 -6.87 -14.89 6.05
CA VAL A 801 -6.47 -16.27 5.67
C VAL A 801 -5.00 -16.42 6.04
N TRP A 802 -4.22 -15.36 5.89
CA TRP A 802 -2.80 -15.27 6.29
C TRP A 802 -2.59 -13.90 6.92
N ASP A 803 -2.03 -13.80 8.14
CA ASP A 803 -1.85 -12.47 8.80
C ASP A 803 -0.51 -12.43 9.55
N ARG A 804 0.10 -11.23 9.58
CA ARG A 804 1.40 -10.92 10.25
C ARG A 804 1.24 -9.80 11.29
N ILE A 805 0.03 -9.25 11.42
CA ILE A 805 -0.30 -7.99 12.16
C ILE A 805 -0.98 -8.33 13.49
N GLY A 806 -1.85 -9.35 13.50
CA GLY A 806 -2.79 -9.68 14.59
C GLY A 806 -2.10 -9.73 15.95
N SER A 807 -1.12 -10.62 16.08
CA SER A 807 -0.22 -10.74 17.26
C SER A 807 0.33 -9.36 17.65
N THR A 808 0.87 -8.63 16.67
CA THR A 808 1.57 -7.34 16.92
C THR A 808 0.59 -6.36 17.58
N VAL A 809 -0.59 -6.15 17.00
CA VAL A 809 -1.62 -5.18 17.49
C VAL A 809 -2.11 -5.63 18.88
N PHE A 810 -2.28 -6.94 19.06
CA PHE A 810 -2.78 -7.52 20.33
C PHE A 810 -1.79 -7.21 21.48
N GLU A 811 -0.48 -7.38 21.26
CA GLU A 811 0.58 -7.08 22.28
C GLU A 811 0.63 -5.58 22.61
N HIS A 812 0.20 -4.71 21.70
CA HIS A 812 0.20 -3.22 21.83
C HIS A 812 -1.03 -2.76 22.62
N GLY A 813 -2.20 -3.31 22.27
CA GLY A 813 -3.47 -2.95 22.92
C GLY A 813 -3.42 -3.16 24.41
N GLU A 814 -3.01 -4.36 24.85
CA GLU A 814 -2.94 -4.74 26.29
C GLU A 814 -1.91 -3.84 26.99
N ARG A 815 -0.83 -3.50 26.30
CA ARG A 815 0.27 -2.65 26.83
C ARG A 815 -0.25 -1.22 27.12
N PHE A 816 -1.27 -0.71 26.41
CA PHE A 816 -1.67 0.72 26.53
C PHE A 816 -3.16 0.94 26.81
N TYR A 817 -4.07 0.00 26.53
CA TYR A 817 -5.53 0.30 26.57
C TYR A 817 -6.19 -0.27 27.84
N ASN A 818 -5.42 -0.67 28.86
CA ASN A 818 -5.96 -1.33 30.07
C ASN A 818 -5.58 -0.55 31.35
N PHE A 819 -5.10 0.69 31.22
CA PHE A 819 -4.68 1.53 32.38
C PHE A 819 -5.90 2.09 33.13
N LYS A 820 -7.03 2.32 32.46
CA LYS A 820 -8.23 2.92 33.13
C LYS A 820 -9.44 2.00 32.88
N GLY A 821 -9.29 0.73 33.28
CA GLY A 821 -10.34 -0.29 33.30
C GLY A 821 -10.19 -1.29 32.17
N LEU A 822 -10.54 -2.56 32.41
CA LEU A 822 -10.52 -3.64 31.38
C LEU A 822 -11.77 -3.52 30.50
N ARG A 823 -11.78 -4.26 29.38
CA ARG A 823 -12.89 -4.25 28.39
C ARG A 823 -14.20 -4.62 29.13
N ALA A 824 -14.17 -5.70 29.91
CA ALA A 824 -15.30 -6.20 30.73
C ALA A 824 -15.83 -5.09 31.65
N PHE A 825 -14.93 -4.29 32.23
CA PHE A 825 -15.29 -3.16 33.14
C PHE A 825 -16.07 -2.10 32.35
N LYS A 826 -15.60 -1.77 31.15
CA LYS A 826 -16.26 -0.72 30.31
C LYS A 826 -17.61 -1.23 29.80
N SER A 827 -17.74 -2.53 29.54
CA SER A 827 -19.01 -3.13 29.03
C SER A 827 -20.14 -2.94 30.04
N LYS A 828 -19.85 -2.87 31.34
CA LYS A 828 -20.86 -2.69 32.43
C LYS A 828 -21.67 -1.41 32.24
N PHE A 829 -21.15 -0.42 31.51
CA PHE A 829 -21.84 0.87 31.24
C PHE A 829 -22.64 0.80 29.93
N HIS A 830 -22.64 -0.35 29.23
CA HIS A 830 -23.40 -0.60 27.97
C HIS A 830 -23.05 0.45 26.92
N PRO A 831 -21.76 0.60 26.54
CA PRO A 831 -21.35 1.62 25.58
C PRO A 831 -21.55 1.22 24.12
N HIS A 832 -21.52 2.20 23.22
CA HIS A 832 -21.33 1.97 21.76
C HIS A 832 -19.85 1.67 21.55
N TRP A 833 -19.53 0.54 20.91
CA TRP A 833 -18.15 0.19 20.51
C TRP A 833 -17.95 0.65 19.07
N GLN A 834 -17.21 1.75 18.88
CA GLN A 834 -16.75 2.21 17.54
C GLN A 834 -15.30 1.80 17.38
N PRO A 835 -14.90 1.21 16.24
CA PRO A 835 -13.50 0.84 16.03
C PRO A 835 -12.63 2.09 15.78
N ARG A 836 -11.33 1.95 15.91
CA ARG A 836 -10.35 3.01 15.61
C ARG A 836 -9.18 2.32 14.91
N TYR A 837 -8.48 3.04 14.02
CA TYR A 837 -7.51 2.42 13.07
C TYR A 837 -6.17 3.12 13.13
N LEU A 838 -5.16 2.36 12.75
CA LEU A 838 -3.80 2.87 12.42
C LEU A 838 -3.76 2.94 10.90
N ALA A 839 -3.70 4.12 10.31
CA ALA A 839 -3.58 4.30 8.85
C ALA A 839 -2.12 4.59 8.52
N VAL A 840 -1.45 3.79 7.70
CA VAL A 840 0.01 4.03 7.47
C VAL A 840 0.21 4.19 5.96
N SER A 841 1.11 5.11 5.58
CA SER A 841 1.38 5.50 4.18
C SER A 841 2.15 4.39 3.48
N GLY A 842 3.43 4.21 3.79
CA GLY A 842 4.30 3.21 3.14
C GLY A 842 3.72 1.81 3.25
N GLY A 843 3.72 1.05 2.15
CA GLY A 843 3.08 -0.29 2.07
C GLY A 843 4.01 -1.41 2.53
N GLY A 844 5.19 -1.08 3.04
CA GLY A 844 6.26 -2.04 3.40
C GLY A 844 5.82 -3.02 4.48
N ASN A 845 5.29 -2.51 5.59
CA ASN A 845 4.85 -3.32 6.76
C ASN A 845 4.09 -2.44 7.74
N PRO A 846 2.82 -2.74 8.06
CA PRO A 846 2.07 -1.98 9.07
C PRO A 846 2.80 -1.92 10.42
N MET A 847 3.47 -3.01 10.78
CA MET A 847 4.13 -3.21 12.10
C MET A 847 5.20 -2.15 12.33
N ILE A 848 5.97 -1.75 11.30
CA ILE A 848 7.10 -0.78 11.47
C ILE A 848 6.53 0.57 11.98
N ALA A 849 5.34 0.97 11.54
CA ALA A 849 4.68 2.23 11.95
C ALA A 849 4.26 2.14 13.43
N LEU A 850 3.72 1.00 13.85
CA LEU A 850 3.20 0.83 15.24
C LEU A 850 4.39 0.83 16.23
N MET A 851 5.58 0.35 15.81
CA MET A 851 6.82 0.33 16.65
C MET A 851 7.31 1.76 16.90
N ASP A 852 7.25 2.63 15.90
CA ASP A 852 7.57 4.08 16.07
C ASP A 852 6.52 4.69 17.01
N ALA A 853 5.24 4.34 16.82
CA ALA A 853 4.14 4.78 17.71
C ALA A 853 4.40 4.29 19.15
N THR A 854 4.88 3.04 19.30
CA THR A 854 5.14 2.42 20.63
C THR A 854 6.19 3.23 21.40
N PHE A 855 7.26 3.69 20.74
CA PHE A 855 8.31 4.53 21.39
C PHE A 855 7.74 5.92 21.70
N LEU A 856 7.03 6.55 20.74
CA LEU A 856 6.41 7.88 20.97
C LEU A 856 5.61 7.86 22.27
N ILE A 857 4.90 6.76 22.54
CA ILE A 857 4.05 6.63 23.76
C ILE A 857 4.92 6.20 24.95
N GLY A 858 5.77 5.17 24.78
CA GLY A 858 6.56 4.55 25.87
C GLY A 858 7.69 5.44 26.37
N GLY A 859 8.53 5.92 25.46
CA GLY A 859 9.61 6.89 25.72
C GLY A 859 9.27 8.22 25.08
N GLY A 860 9.66 8.40 23.82
CA GLY A 860 9.34 9.56 22.97
C GLY A 860 10.10 10.81 23.38
N LEU A 861 9.62 11.99 22.96
CA LEU A 861 10.17 13.31 23.35
C LEU A 861 9.71 13.64 24.78
N LYS A 862 10.54 14.38 25.53
CA LYS A 862 10.21 14.86 26.90
C LYS A 862 9.03 15.83 26.81
N GLY A 863 9.09 16.79 25.88
CA GLY A 863 8.05 17.82 25.63
C GLY A 863 8.16 18.97 26.61
N VAL A 864 7.06 19.71 26.81
CA VAL A 864 6.95 20.79 27.82
C VAL A 864 6.77 20.13 29.19
N VAL A 865 7.61 20.49 30.17
CA VAL A 865 7.59 19.94 31.56
C VAL A 865 7.72 21.10 32.55
N ARG A 866 6.90 21.09 33.61
CA ARG A 866 7.01 22.03 34.76
C ARG A 866 7.56 21.26 35.96
CAD PGW B . 11.38 2.17 -33.35
OAE PGW B . 12.22 2.73 -32.34
OAF PGW B . 12.61 0.15 -33.22
P PGW B . 7.97 0.86 -34.57
C01 PGW B . 8.06 -0.14 -29.65
C1 PGW B . 5.48 -1.39 -30.29
O01 PGW B . 6.65 -1.74 -30.88
C02 PGW B . 7.74 -0.76 -30.99
C2 PGW B . 5.34 -1.81 -28.86
O02 PGW B . 4.58 -0.84 -30.87
C03 PGW B . 7.40 0.27 -32.05
C3 PGW B . 4.81 -0.73 -27.99
O03 PGW B . 9.49 0.01 -29.50
C04 PGW B . 10.47 -0.03 -34.26
C4 PGW B . 4.53 -1.19 -26.57
O04 PGW B . 10.76 -1.71 -30.09
C05 PGW B . 11.29 0.67 -33.20
C5 PGW B . 5.63 -0.85 -25.59
C06 PGW B . 7.17 -5.64 -20.99
C6 PGW B . 5.24 -0.97 -24.14
C07 PGW B . 6.16 -5.74 -19.87
C7 PGW B . 5.67 -2.27 -23.48
C08 PGW B . 6.72 -5.54 -18.47
C8 PGW B . 7.05 -2.25 -22.90
C09 PGW B . 7.56 -4.30 -18.28
C9 PGW B . 7.50 -3.54 -22.27
C10 PGW B . 6.80 -4.60 -22.00
C11 PGW B . 7.45 -3.70 -16.89
O11 PGW B . 7.82 -0.19 -33.37
C12 PGW B . 8.73 -3.17 -16.33
O12 PGW B . 9.54 0.88 -34.92
C13 PGW B . 8.53 -2.25 -15.16
O13 PGW B . 7.61 2.24 -34.06
C14 PGW B . 9.73 -2.08 -14.25
O14 PGW B . 7.26 0.31 -35.79
C15 PGW B . 10.85 -9.68 -24.15
C16 PGW B . 11.87 -10.62 -23.55
C17 PGW B . 13.20 -9.98 -23.18
C18 PGW B . 13.34 -9.61 -21.71
C19 PGW B . 10.19 -1.10 -29.24
C20 PGW B . 10.13 -1.50 -27.79
C21 PGW B . 9.97 -2.99 -27.58
C22 PGW B . 9.09 -3.33 -26.39
C23 PGW B . 8.82 -4.82 -26.20
C24 PGW B . 9.95 -5.60 -25.53
C25 PGW B . 9.49 -6.54 -24.43
C26 PGW B . 10.61 -7.19 -23.65
C27 PGW B . 10.31 -8.61 -23.22
C28 PGW B . 14.09 -8.33 -21.42
C29 PGW B . 16.44 -9.00 -20.87
C30 PGW B . 15.13 -8.44 -20.36
C1 1K1 C . 2.07 -14.22 -4.75
C2 1K1 C . 3.45 -13.75 -4.34
O1 1K1 C . 3.66 -13.81 -2.91
C3 1K1 C . 4.86 -13.35 -2.53
O2 1K1 C . 5.08 -12.19 -2.31
C4 1K1 C . 5.94 -14.40 -2.46
C5 1K1 C . 6.35 -14.79 -1.04
C6 1K1 C . 7.12 -16.11 -0.97
C7 1K1 C . 6.71 -17.08 0.16
C8 1K1 C . 5.94 -18.34 -0.26
C9 1K1 C . 6.77 -19.44 -0.92
C10 1K1 C . 6.20 -20.86 -0.79
C11 1K1 C . 5.20 -21.27 -1.85
C12 1K1 C . 3.75 -21.25 -1.36
C13 1K1 C . 3.09 -19.90 -1.44
C14 1K1 C . 2.22 -19.56 -0.25
C15 1K1 C . 1.52 -18.20 -0.34
C16 1K1 C . 2.41 -16.96 -0.23
C17 1K1 C . 2.20 -16.08 0.98
C18 1K1 C . 1.37 -14.84 0.73
C19 1K1 C . 1.00 -13.24 -4.36
O3 1K1 C . 0.02 -13.12 -5.44
P1 1K1 C . -0.30 -11.70 -6.15
O4 1K1 C . -1.62 -11.06 -5.81
O5 1K1 C . 0.97 -10.89 -6.04
O6 1K1 C . -0.66 -12.22 -7.62
C20 1K1 C . 0.38 -12.42 -8.61
C21 1K1 C . 0.16 -11.64 -9.88
O7 1K1 C . -1.04 -10.85 -9.87
C22 1K1 C . 0.15 -12.58 -11.05
O8 1K1 C . 1.54 -12.90 -11.29
C23 1K1 C . 2.15 -12.19 -12.23
O9 1K1 C . 3.03 -11.39 -12.04
C24 1K1 C . 1.59 -12.51 -13.60
N1 1K1 C . 2.63 -12.12 -14.60
C25 1K1 C . 1.24 -13.99 -13.74
C26 1K1 C . 0.60 -14.37 -15.06
C27 1K1 C . -0.62 -15.23 -14.93
C28 1K1 C . -1.76 -14.53 -14.23
N2 1K1 C . -2.98 -15.35 -14.38
O10 1K1 C . 1.74 -15.54 -4.18
C29 1K1 C . 2.72 -16.48 -4.08
O11 1K1 C . 3.20 -16.77 -3.02
C30 1K1 C . 3.18 -17.09 -5.38
C31 1K1 C . 4.34 -18.07 -5.26
C32 1K1 C . 4.09 -19.35 -6.04
C33 1K1 C . 5.15 -20.42 -5.89
C34 1K1 C . 5.10 -21.52 -6.96
C35 1K1 C . 6.46 -22.16 -7.25
C36 1K1 C . 6.46 -23.25 -8.27
C37 1K1 C . 7.80 -23.90 -8.36
C38 1K1 C . 8.06 -25.16 -8.68
C39 1K1 C . 9.38 -25.85 -8.44
C40 1K1 C . 9.91 -26.70 -9.57
C41 1K1 C . 11.34 -27.21 -9.32
C42 1K1 C . 12.18 -27.51 -10.55
C43 1K1 C . 13.71 -27.40 -10.33
C44 1K1 C . 14.48 -28.70 -10.39
C45 1K1 C . 15.88 -28.67 -9.79
C46 1K1 C . 16.92 -29.52 -10.50
#